data_7LW2
#
_entry.id   7LW2
#
_cell.length_a   119.255
_cell.length_b   119.255
_cell.length_c   80.326
_cell.angle_alpha   90.000
_cell.angle_beta   90.000
_cell.angle_gamma   90.000
#
_symmetry.space_group_name_H-M   'P 4'
#
loop_
_entity.id
_entity.type
_entity.pdbx_description
1 polymer 'Protease 2A'
2 non-polymer 'ZINC ION'
3 water water
#
_entity_poly.entity_id   1
_entity_poly.type   'polypeptide(L)'
_entity_poly.pdbx_seq_one_letter_code
;GPGFGGVFVGSFKIINYHLATIEERQSAIYVDWQSDVLVTPIAAHGRHQIARCKCNTGVYYCRHRDKSYPVCFEGPGIQW
IEQTEYYPARYQTNVLLAAGPAEAGDCGGLLVCPHGVIGLLTAGGGGIVAFTDIRNLLWLDTDAMEQ
;
_entity_poly.pdbx_strand_id   E,A,B,C,D,F
#
loop_
_chem_comp.id
_chem_comp.type
_chem_comp.name
_chem_comp.formula
ZN non-polymer 'ZINC ION' 'Zn 2'
#
# COMPACT_ATOMS: atom_id res chain seq x y z
N GLY A 1 -13.91 -15.54 4.74
CA GLY A 1 -15.37 -15.73 4.48
C GLY A 1 -16.09 -16.33 5.68
N PRO A 2 -15.92 -17.62 5.91
CA PRO A 2 -16.55 -18.25 7.08
C PRO A 2 -16.11 -17.65 8.39
N GLY A 3 -14.88 -17.15 8.47
CA GLY A 3 -14.41 -16.47 9.67
C GLY A 3 -13.73 -17.32 10.72
N PHE A 4 -13.24 -18.51 10.37
CA PHE A 4 -12.50 -19.31 11.34
C PHE A 4 -11.19 -19.87 10.83
N GLY A 5 -10.88 -19.74 9.54
CA GLY A 5 -9.71 -20.37 8.97
C GLY A 5 -8.47 -19.50 9.03
N GLY A 6 -8.46 -18.55 9.97
CA GLY A 6 -7.37 -17.60 10.06
C GLY A 6 -7.56 -16.41 9.15
N VAL A 7 -6.53 -15.57 9.13
CA VAL A 7 -6.54 -14.34 8.33
C VAL A 7 -5.67 -14.57 7.11
N PHE A 8 -6.15 -14.13 5.95
CA PHE A 8 -5.45 -14.29 4.68
C PHE A 8 -5.23 -12.89 4.10
N VAL A 9 -4.00 -12.41 4.19
CA VAL A 9 -3.63 -11.06 3.77
C VAL A 9 -2.55 -11.18 2.70
N GLY A 10 -2.82 -10.61 1.54
CA GLY A 10 -1.87 -10.72 0.44
C GLY A 10 -1.60 -12.17 0.14
N SER A 11 -0.31 -12.53 0.03
CA SER A 11 0.10 -13.91 -0.19
C SER A 11 0.49 -14.60 1.11
N PHE A 12 -0.11 -14.19 2.22
CA PHE A 12 0.26 -14.66 3.55
C PHE A 12 -0.96 -15.07 4.34
N LYS A 13 -0.74 -15.97 5.30
CA LYS A 13 -1.78 -16.51 6.16
C LYS A 13 -1.38 -16.34 7.62
N ILE A 14 -2.28 -15.78 8.42
CA ILE A 14 -2.04 -15.57 9.85
C ILE A 14 -3.00 -16.47 10.62
N ILE A 15 -2.46 -17.30 11.49
CA ILE A 15 -3.21 -18.29 12.27
C ILE A 15 -2.57 -18.46 13.63
N ASN A 16 -3.25 -19.22 14.50
CA ASN A 16 -2.74 -19.51 15.82
C ASN A 16 -1.56 -20.48 15.74
N TYR A 17 -0.63 -20.32 16.67
CA TYR A 17 0.56 -21.17 16.69
C TYR A 17 0.20 -22.63 16.92
N HIS A 18 -0.70 -22.90 17.86
CA HIS A 18 -1.02 -24.28 18.20
C HIS A 18 -1.84 -25.00 17.14
N LEU A 19 -2.46 -24.26 16.22
CA LEU A 19 -3.27 -24.86 15.16
C LEU A 19 -2.54 -24.90 13.82
N ALA A 20 -1.26 -24.55 13.79
CA ALA A 20 -0.49 -24.51 12.56
C ALA A 20 0.17 -25.85 12.31
N THR A 21 0.46 -26.12 11.04
CA THR A 21 1.13 -27.35 10.67
C THR A 21 2.63 -27.11 10.57
N ILE A 22 3.40 -28.20 10.63
CA ILE A 22 4.85 -28.08 10.61
C ILE A 22 5.30 -27.46 9.30
N GLU A 23 4.69 -27.86 8.19
CA GLU A 23 5.08 -27.32 6.89
C GLU A 23 4.89 -25.81 6.85
N GLU A 24 3.78 -25.32 7.40
CA GLU A 24 3.57 -23.88 7.49
C GLU A 24 4.62 -23.25 8.40
N ARG A 25 4.95 -23.90 9.51
CA ARG A 25 5.94 -23.38 10.43
C ARG A 25 7.33 -23.32 9.81
N GLN A 26 7.67 -24.28 8.94
CA GLN A 26 8.99 -24.30 8.35
C GLN A 26 9.21 -23.18 7.34
N SER A 27 8.15 -22.60 6.80
CA SER A 27 8.27 -21.49 5.87
C SER A 27 7.79 -20.17 6.48
N ALA A 28 7.44 -20.17 7.76
CA ALA A 28 6.84 -19.00 8.39
C ALA A 28 7.80 -17.81 8.33
N ILE A 29 7.27 -16.65 7.95
CA ILE A 29 8.05 -15.42 7.95
C ILE A 29 8.05 -14.76 9.33
N TYR A 30 7.03 -15.01 10.15
CA TYR A 30 6.96 -14.47 11.50
C TYR A 30 6.35 -15.53 12.41
N VAL A 31 6.88 -15.62 13.63
CA VAL A 31 6.42 -16.59 14.61
C VAL A 31 6.53 -15.97 15.99
N ASP A 32 5.46 -16.07 16.78
CA ASP A 32 5.48 -15.65 18.18
C ASP A 32 4.76 -16.70 19.02
N TRP A 33 5.52 -17.44 19.83
CA TRP A 33 4.91 -18.45 20.68
C TRP A 33 4.11 -17.82 21.80
N GLN A 34 4.61 -16.72 22.37
CA GLN A 34 3.90 -16.04 23.45
C GLN A 34 2.54 -15.55 22.97
N SER A 35 2.50 -14.92 21.80
CA SER A 35 1.25 -14.44 21.23
C SER A 35 0.41 -15.54 20.60
N ASP A 36 0.97 -16.74 20.41
CA ASP A 36 0.25 -17.85 19.79
C ASP A 36 -0.19 -17.47 18.38
N VAL A 37 0.79 -17.15 17.54
CA VAL A 37 0.52 -16.66 16.20
C VAL A 37 1.69 -17.02 15.29
N LEU A 38 1.35 -17.35 14.05
CA LEU A 38 2.33 -17.44 12.97
C LEU A 38 1.83 -16.63 11.78
N VAL A 39 2.78 -16.16 10.97
CA VAL A 39 2.50 -15.56 9.67
C VAL A 39 3.34 -16.33 8.68
N THR A 40 2.69 -17.08 7.79
CA THR A 40 3.36 -17.97 6.87
C THR A 40 2.87 -17.72 5.45
N PRO A 41 3.73 -17.92 4.46
CA PRO A 41 3.32 -17.68 3.08
C PRO A 41 2.31 -18.69 2.55
N ILE A 42 1.45 -18.21 1.65
CA ILE A 42 0.46 -19.03 0.97
C ILE A 42 0.29 -18.50 -0.43
N ALA A 43 0.10 -19.40 -1.40
CA ALA A 43 -0.02 -19.02 -2.81
C ALA A 43 -1.47 -18.66 -3.14
N ALA A 44 -1.88 -17.50 -2.64
CA ALA A 44 -3.25 -17.04 -2.86
C ALA A 44 -3.33 -15.55 -2.57
N HIS A 45 -4.34 -14.92 -3.16
CA HIS A 45 -4.57 -13.49 -2.97
C HIS A 45 -5.52 -13.33 -1.78
N GLY A 46 -4.97 -12.89 -0.65
CA GLY A 46 -5.80 -12.73 0.53
C GLY A 46 -6.70 -11.52 0.40
N ARG A 47 -7.94 -11.68 0.86
CA ARG A 47 -8.94 -10.62 0.80
C ARG A 47 -9.12 -9.92 2.14
N HIS A 48 -8.39 -10.32 3.17
CA HIS A 48 -8.47 -9.70 4.48
C HIS A 48 -7.53 -8.51 4.56
N GLN A 49 -7.84 -7.60 5.48
CA GLN A 49 -7.01 -6.46 5.80
C GLN A 49 -6.88 -6.35 7.30
N ILE A 50 -5.68 -6.02 7.77
CA ILE A 50 -5.45 -5.89 9.20
C ILE A 50 -5.86 -4.49 9.63
N ALA A 51 -6.43 -4.40 10.82
CA ALA A 51 -6.99 -3.14 11.31
C ALA A 51 -5.88 -2.25 11.86
N ARG A 52 -5.68 -1.10 11.22
CA ARG A 52 -4.77 -0.08 11.73
C ARG A 52 -5.56 0.93 12.56
N CYS A 53 -5.99 0.46 13.73
CA CYS A 53 -6.88 1.26 14.58
C CYS A 53 -6.55 1.00 16.05
N LYS A 54 -7.35 1.62 16.93
CA LYS A 54 -7.30 1.40 18.36
C LYS A 54 -8.68 1.07 18.90
N CYS A 55 -9.51 0.41 18.10
CA CYS A 55 -10.87 0.08 18.52
C CYS A 55 -10.84 -0.79 19.77
N ASN A 56 -11.74 -0.49 20.71
CA ASN A 56 -11.96 -1.32 21.88
C ASN A 56 -13.23 -2.16 21.79
N THR A 57 -13.92 -2.12 20.66
CA THR A 57 -15.08 -2.96 20.36
C THR A 57 -14.93 -3.64 19.00
N GLY A 58 -15.58 -4.78 18.89
CA GLY A 58 -15.53 -5.56 17.68
C GLY A 58 -16.58 -6.64 17.71
N VAL A 59 -16.52 -7.51 16.70
CA VAL A 59 -17.44 -8.63 16.56
C VAL A 59 -16.63 -9.87 16.20
N TYR A 60 -16.90 -10.97 16.88
CA TYR A 60 -16.17 -12.20 16.67
C TYR A 60 -17.14 -13.36 16.43
N TYR A 61 -16.65 -14.35 15.68
CA TYR A 61 -17.46 -15.51 15.31
C TYR A 61 -17.25 -16.66 16.28
N CYS A 62 -18.35 -17.25 16.75
CA CYS A 62 -18.32 -18.42 17.61
C CYS A 62 -18.77 -19.61 16.76
N ARG A 63 -17.84 -20.53 16.52
CA ARG A 63 -18.12 -21.65 15.61
C ARG A 63 -19.09 -22.64 16.24
N HIS A 64 -18.84 -23.05 17.48
CA HIS A 64 -19.67 -24.07 18.10
C HIS A 64 -21.10 -23.58 18.33
N ARG A 65 -21.33 -22.28 18.29
CA ARG A 65 -22.69 -21.73 18.26
C ARG A 65 -23.04 -21.13 16.91
N ASP A 66 -22.08 -21.00 16.00
CA ASP A 66 -22.35 -20.53 14.64
C ASP A 66 -23.07 -19.18 14.66
N LYS A 67 -22.48 -18.22 15.38
CA LYS A 67 -23.07 -16.89 15.48
C LYS A 67 -21.98 -15.86 15.70
N SER A 68 -22.26 -14.63 15.26
CA SER A 68 -21.37 -13.49 15.45
C SER A 68 -21.78 -12.71 16.70
N TYR A 69 -20.85 -12.57 17.64
CA TYR A 69 -21.12 -11.90 18.91
C TYR A 69 -20.35 -10.58 19.00
N PRO A 70 -21.00 -9.45 19.25
CA PRO A 70 -20.25 -8.22 19.54
C PRO A 70 -19.80 -8.17 21.00
N VAL A 71 -18.69 -7.48 21.23
CA VAL A 71 -18.10 -7.42 22.56
C VAL A 71 -17.13 -6.25 22.64
N CYS A 72 -17.08 -5.61 23.81
CA CYS A 72 -16.03 -4.66 24.14
C CYS A 72 -14.95 -5.36 24.94
N PHE A 73 -13.70 -5.24 24.50
CA PHE A 73 -12.57 -5.97 25.04
C PHE A 73 -11.49 -5.04 25.58
N GLU A 74 -10.65 -5.60 26.45
CA GLU A 74 -9.51 -4.86 27.00
C GLU A 74 -8.34 -4.85 26.01
N GLY A 75 -7.63 -3.74 25.97
CA GLY A 75 -6.51 -3.57 25.07
C GLY A 75 -5.47 -4.65 25.23
N PRO A 76 -4.52 -4.71 24.31
CA PRO A 76 -3.49 -5.77 24.38
C PRO A 76 -2.68 -5.68 25.66
N GLY A 77 -2.29 -6.84 26.18
CA GLY A 77 -1.48 -6.88 27.38
C GLY A 77 -1.16 -8.31 27.78
N ILE A 78 -0.25 -8.42 28.75
CA ILE A 78 0.17 -9.72 29.29
C ILE A 78 -0.95 -10.32 30.13
N GLN A 79 -1.22 -11.60 29.97
CA GLN A 79 -2.39 -12.20 30.58
C GLN A 79 -2.02 -13.32 31.55
N TRP A 80 -2.99 -13.66 32.40
CA TRP A 80 -2.77 -14.54 33.54
C TRP A 80 -2.34 -15.92 33.08
N ILE A 81 -1.74 -16.66 34.02
CA ILE A 81 -1.32 -18.02 33.73
C ILE A 81 -2.54 -18.89 33.51
N GLU A 82 -2.58 -19.58 32.37
CA GLU A 82 -3.66 -20.48 32.00
C GLU A 82 -3.03 -21.63 31.22
N GLN A 83 -3.55 -22.84 31.45
CA GLN A 83 -3.02 -24.02 30.78
C GLN A 83 -4.05 -24.56 29.80
N THR A 84 -3.56 -25.07 28.67
CA THR A 84 -4.42 -25.78 27.73
C THR A 84 -3.81 -27.14 27.45
N GLU A 85 -4.46 -27.91 26.58
CA GLU A 85 -3.87 -29.16 26.13
C GLU A 85 -2.73 -28.92 25.15
N TYR A 86 -2.68 -27.74 24.55
CA TYR A 86 -1.61 -27.38 23.61
C TYR A 86 -0.45 -26.67 24.28
N TYR A 87 -0.72 -25.89 25.33
CA TYR A 87 0.27 -25.03 25.98
C TYR A 87 0.30 -25.31 27.47
N PRO A 88 1.42 -25.02 28.12
CA PRO A 88 1.49 -25.11 29.59
C PRO A 88 0.88 -23.86 30.23
N ALA A 89 0.81 -23.88 31.56
CA ALA A 89 0.34 -22.72 32.30
C ALA A 89 1.34 -21.58 32.06
N ARG A 90 0.94 -20.57 31.30
CA ARG A 90 1.86 -19.53 30.87
C ARG A 90 1.12 -18.22 30.71
N TYR A 91 1.89 -17.13 30.68
CA TYR A 91 1.36 -15.79 30.44
C TYR A 91 1.54 -15.44 28.97
N GLN A 92 0.43 -15.21 28.28
CA GLN A 92 0.46 -14.88 26.86
C GLN A 92 0.62 -13.38 26.66
N THR A 93 1.08 -13.00 25.47
CA THR A 93 1.29 -11.61 25.10
C THR A 93 0.29 -11.19 24.04
N ASN A 94 0.04 -9.88 23.97
CA ASN A 94 -0.88 -9.31 22.99
C ASN A 94 -2.26 -9.95 23.10
N VAL A 95 -2.80 -9.95 24.30
CA VAL A 95 -4.06 -10.62 24.61
C VAL A 95 -5.17 -9.59 24.72
N LEU A 96 -6.27 -9.82 24.02
CA LEU A 96 -7.48 -9.01 24.10
C LEU A 96 -8.53 -9.82 24.85
N LEU A 97 -9.06 -9.25 25.93
CA LEU A 97 -9.98 -9.96 26.82
C LEU A 97 -11.39 -9.39 26.69
N ALA A 98 -12.37 -10.29 26.66
CA ALA A 98 -13.77 -9.90 26.57
C ALA A 98 -14.61 -11.00 27.19
N ALA A 99 -15.91 -10.75 27.28
CA ALA A 99 -16.87 -11.73 27.79
C ALA A 99 -17.70 -12.29 26.64
N GLY A 100 -17.88 -13.60 26.63
CA GLY A 100 -18.67 -14.25 25.63
C GLY A 100 -18.39 -15.73 25.55
N PRO A 101 -19.22 -16.48 24.82
CA PRO A 101 -18.98 -17.92 24.68
C PRO A 101 -17.70 -18.19 23.91
N ALA A 102 -17.03 -19.29 24.28
CA ALA A 102 -15.81 -19.72 23.64
C ALA A 102 -15.58 -21.17 24.04
N GLU A 103 -15.31 -22.02 23.06
CA GLU A 103 -15.12 -23.44 23.30
C GLU A 103 -13.79 -23.89 22.71
N ALA A 104 -13.46 -25.16 22.93
CA ALA A 104 -12.16 -25.67 22.51
C ALA A 104 -11.99 -25.55 21.00
N GLY A 105 -13.04 -25.87 20.24
CA GLY A 105 -12.98 -25.84 18.81
C GLY A 105 -13.14 -24.49 18.16
N ASP A 106 -13.36 -23.44 18.95
CA ASP A 106 -13.59 -22.10 18.41
C ASP A 106 -12.31 -21.32 18.19
N CYS A 107 -11.16 -21.87 18.56
CA CYS A 107 -9.89 -21.19 18.35
C CYS A 107 -9.69 -20.89 16.86
N GLY A 108 -9.19 -19.71 16.57
CA GLY A 108 -8.99 -19.25 15.21
C GLY A 108 -10.10 -18.37 14.67
N GLY A 109 -11.18 -18.18 15.43
CA GLY A 109 -12.22 -17.28 14.99
C GLY A 109 -11.72 -15.85 14.88
N LEU A 110 -12.28 -15.12 13.93
CA LEU A 110 -11.82 -13.77 13.63
C LEU A 110 -12.63 -12.74 14.41
N LEU A 111 -11.93 -11.79 15.03
CA LEU A 111 -12.54 -10.61 15.62
C LEU A 111 -12.23 -9.44 14.71
N VAL A 112 -13.27 -8.69 14.34
CA VAL A 112 -13.15 -7.65 13.32
C VAL A 112 -13.84 -6.38 13.80
N CYS A 113 -13.46 -5.28 13.16
CA CYS A 113 -14.11 -3.99 13.33
C CYS A 113 -14.21 -3.35 11.95
N PRO A 114 -14.77 -2.14 11.82
CA PRO A 114 -14.89 -1.52 10.50
C PRO A 114 -13.56 -1.34 9.79
N HIS A 115 -12.44 -1.37 10.50
CA HIS A 115 -11.14 -1.18 9.89
C HIS A 115 -10.52 -2.47 9.37
N GLY A 116 -10.94 -3.63 9.87
CA GLY A 116 -10.41 -4.89 9.45
C GLY A 116 -10.33 -5.86 10.61
N VAL A 117 -9.46 -6.85 10.48
CA VAL A 117 -9.29 -7.87 11.50
C VAL A 117 -8.39 -7.33 12.61
N ILE A 118 -8.78 -7.58 13.85
CA ILE A 118 -8.00 -7.16 15.01
C ILE A 118 -7.20 -8.32 15.60
N GLY A 119 -7.83 -9.49 15.73
CA GLY A 119 -7.14 -10.61 16.34
C GLY A 119 -7.84 -11.91 16.04
N LEU A 120 -7.25 -12.99 16.56
CA LEU A 120 -7.75 -14.35 16.39
C LEU A 120 -8.11 -14.92 17.75
N LEU A 121 -9.20 -15.69 17.80
CA LEU A 121 -9.64 -16.26 19.07
C LEU A 121 -8.58 -17.21 19.58
N THR A 122 -7.98 -16.88 20.72
CA THR A 122 -6.87 -17.65 21.26
C THR A 122 -7.36 -18.77 22.18
N ALA A 123 -8.21 -18.43 23.13
CA ALA A 123 -8.71 -19.40 24.10
C ALA A 123 -9.95 -18.81 24.76
N GLY A 124 -10.44 -19.47 25.80
CA GLY A 124 -11.59 -18.98 26.53
C GLY A 124 -12.32 -20.12 27.23
N GLY A 125 -13.36 -19.73 27.94
CA GLY A 125 -14.20 -20.62 28.70
C GLY A 125 -14.92 -19.88 29.80
N GLY A 126 -15.96 -20.49 30.33
CA GLY A 126 -16.68 -19.90 31.43
C GLY A 126 -17.23 -18.51 31.17
N GLY A 127 -17.44 -18.15 29.91
CA GLY A 127 -17.95 -16.84 29.56
C GLY A 127 -16.90 -15.79 29.28
N ILE A 128 -15.63 -16.15 29.27
CA ILE A 128 -14.54 -15.21 28.99
C ILE A 128 -13.78 -15.73 27.78
N VAL A 129 -13.51 -14.84 26.83
CA VAL A 129 -12.85 -15.20 25.58
C VAL A 129 -11.67 -14.26 25.36
N ALA A 130 -10.58 -14.81 24.83
CA ALA A 130 -9.34 -14.07 24.61
C ALA A 130 -8.92 -14.15 23.16
N PHE A 131 -8.32 -13.08 22.67
CA PHE A 131 -7.85 -12.98 21.30
C PHE A 131 -6.39 -12.54 21.27
N THR A 132 -5.72 -12.86 20.17
CA THR A 132 -4.34 -12.43 19.93
C THR A 132 -4.40 -11.19 19.04
N ASP A 133 -3.99 -10.05 19.58
CA ASP A 133 -3.99 -8.82 18.79
C ASP A 133 -2.93 -8.93 17.70
N ILE A 134 -3.36 -8.75 16.45
CA ILE A 134 -2.48 -8.83 15.30
C ILE A 134 -2.32 -7.46 14.64
N ARG A 135 -2.72 -6.40 15.33
CA ARG A 135 -2.57 -5.06 14.77
C ARG A 135 -1.11 -4.71 14.55
N ASN A 136 -0.21 -5.32 15.32
CA ASN A 136 1.22 -5.06 15.16
C ASN A 136 1.80 -5.68 13.90
N LEU A 137 1.09 -6.60 13.27
CA LEU A 137 1.57 -7.29 12.07
C LEU A 137 1.13 -6.60 10.77
N LEU A 138 0.64 -5.37 10.84
CA LEU A 138 0.10 -4.71 9.65
C LEU A 138 1.16 -4.48 8.58
N TRP A 139 2.45 -4.61 8.92
CA TRP A 139 3.49 -4.52 7.91
C TRP A 139 3.29 -5.53 6.79
N LEU A 140 2.49 -6.56 7.01
CA LEU A 140 2.20 -7.55 5.97
C LEU A 140 1.52 -6.92 4.77
N ASP A 141 0.64 -5.93 4.99
CA ASP A 141 -0.09 -5.32 3.88
C ASP A 141 0.85 -4.81 2.80
N THR A 142 1.86 -4.04 3.20
CA THR A 142 2.83 -3.51 2.24
C THR A 142 2.16 -2.65 1.18
N GLY B 1 31.42 -19.32 23.54
CA GLY B 1 32.90 -19.55 23.49
C GLY B 1 33.53 -18.99 22.24
N PRO B 2 33.33 -19.66 21.11
CA PRO B 2 33.91 -19.13 19.85
C PRO B 2 33.41 -17.75 19.49
N GLY B 3 32.17 -17.42 19.85
CA GLY B 3 31.63 -16.09 19.62
C GLY B 3 31.00 -15.89 18.26
N PHE B 4 30.69 -16.96 17.52
CA PHE B 4 30.01 -16.86 16.24
C PHE B 4 28.88 -17.85 16.06
N GLY B 5 28.71 -18.81 16.96
CA GLY B 5 27.76 -19.89 16.75
C GLY B 5 26.38 -19.57 17.26
N GLY B 6 26.05 -18.29 17.36
CA GLY B 6 24.79 -17.86 17.91
C GLY B 6 24.85 -17.73 19.43
N VAL B 7 23.69 -17.43 19.99
CA VAL B 7 23.55 -17.24 21.44
C VAL B 7 22.84 -18.46 22.00
N PHE B 8 23.34 -18.94 23.13
CA PHE B 8 22.82 -20.14 23.81
C PHE B 8 22.39 -19.72 25.21
N VAL B 9 21.08 -19.61 25.41
CA VAL B 9 20.54 -19.15 26.69
C VAL B 9 19.65 -20.28 27.20
N GLY B 10 19.99 -20.82 28.37
CA GLY B 10 19.21 -21.94 28.87
C GLY B 10 19.20 -23.06 27.85
N SER B 11 18.01 -23.56 27.54
CA SER B 11 17.81 -24.62 26.56
C SER B 11 17.43 -24.09 25.19
N PHE B 12 17.81 -22.86 24.86
CA PHE B 12 17.37 -22.22 23.64
C PHE B 12 18.55 -21.61 22.90
N LYS B 13 18.40 -21.51 21.59
CA LYS B 13 19.44 -21.01 20.71
C LYS B 13 18.86 -19.87 19.88
N ILE B 14 19.57 -18.75 19.85
CA ILE B 14 19.18 -17.58 19.09
C ILE B 14 20.18 -17.41 17.98
N ILE B 15 19.68 -17.35 16.74
CA ILE B 15 20.53 -17.30 15.56
C ILE B 15 19.86 -16.41 14.51
N ASN B 16 20.62 -16.13 13.45
CA ASN B 16 20.11 -15.35 12.33
C ASN B 16 19.13 -16.18 11.52
N TYR B 17 18.20 -15.53 10.88
CA TYR B 17 17.23 -16.21 10.10
C TYR B 17 17.86 -16.82 8.89
N HIS B 18 18.78 -16.14 8.27
CA HIS B 18 19.45 -16.64 7.06
C HIS B 18 20.45 -17.75 7.37
N LEU B 19 20.84 -17.92 8.63
CA LEU B 19 21.76 -18.97 9.04
C LEU B 19 21.07 -20.15 9.70
N ALA B 20 19.74 -20.19 9.68
CA ALA B 20 18.99 -21.25 10.35
C ALA B 20 18.72 -22.43 9.41
N THR B 21 18.59 -23.60 10.02
CA THR B 21 18.30 -24.85 9.31
C THR B 21 16.81 -25.20 9.38
N ILE B 22 16.41 -26.12 8.51
CA ILE B 22 15.00 -26.47 8.39
C ILE B 22 14.46 -26.99 9.72
N GLU B 23 15.21 -27.87 10.37
CA GLU B 23 14.77 -28.43 11.63
C GLU B 23 14.60 -27.36 12.70
N GLU B 24 15.55 -26.43 12.78
CA GLU B 24 15.45 -25.34 13.74
C GLU B 24 14.23 -24.47 13.46
N ARG B 25 13.97 -24.17 12.20
CA ARG B 25 12.80 -23.37 11.86
C ARG B 25 11.51 -24.11 12.18
N GLN B 26 11.51 -25.44 12.04
CA GLN B 26 10.32 -26.22 12.34
C GLN B 26 10.05 -26.31 13.83
N SER B 27 11.05 -26.06 14.67
CA SER B 27 10.88 -26.08 16.12
C SER B 27 10.98 -24.69 16.74
N ALA B 28 11.18 -23.65 15.93
CA ALA B 28 11.44 -22.32 16.45
C ALA B 28 10.28 -21.82 17.30
N ILE B 29 10.61 -21.24 18.46
CA ILE B 29 9.59 -20.63 19.30
C ILE B 29 9.34 -19.17 18.92
N TYR B 30 10.32 -18.49 18.32
CA TYR B 30 10.15 -17.12 17.89
C TYR B 30 10.89 -16.91 16.59
N VAL B 31 10.29 -16.13 15.69
CA VAL B 31 10.87 -15.84 14.39
C VAL B 31 10.50 -14.41 14.01
N ASP B 32 11.50 -13.65 13.57
CA ASP B 32 11.29 -12.31 13.01
C ASP B 32 12.15 -12.21 11.76
N TRP B 33 11.50 -12.19 10.59
CA TRP B 33 12.23 -12.13 9.33
C TRP B 33 12.92 -10.78 9.15
N GLN B 34 12.23 -9.68 9.52
CA GLN B 34 12.85 -8.37 9.38
C GLN B 34 14.09 -8.25 10.25
N SER B 35 13.99 -8.70 11.50
CA SER B 35 15.11 -8.65 12.42
C SER B 35 16.14 -9.73 12.14
N ASP B 36 15.82 -10.71 11.28
CA ASP B 36 16.75 -11.77 10.95
C ASP B 36 17.18 -12.52 12.23
N VAL B 37 16.20 -13.08 12.90
CA VAL B 37 16.43 -13.73 14.19
C VAL B 37 15.42 -14.86 14.37
N LEU B 38 15.90 -15.96 14.94
CA LEU B 38 15.04 -17.03 15.43
C LEU B 38 15.45 -17.39 16.84
N VAL B 39 14.47 -17.87 17.61
CA VAL B 39 14.72 -18.46 18.93
C VAL B 39 14.07 -19.84 18.91
N THR B 40 14.89 -20.87 19.01
CA THR B 40 14.43 -22.25 18.88
C THR B 40 14.96 -23.07 20.04
N PRO B 41 14.21 -24.08 20.49
CA PRO B 41 14.73 -24.92 21.57
C PRO B 41 15.91 -25.74 21.08
N ILE B 42 16.85 -25.97 21.97
CA ILE B 42 18.05 -26.74 21.67
C ILE B 42 18.41 -27.57 22.88
N ALA B 43 18.95 -28.76 22.62
CA ALA B 43 19.24 -29.72 23.68
C ALA B 43 20.61 -29.44 24.31
N ALA B 44 20.65 -28.37 25.08
CA ALA B 44 21.84 -27.99 25.82
C ALA B 44 21.47 -26.92 26.83
N HIS B 45 22.24 -26.85 27.92
CA HIS B 45 22.05 -25.83 28.94
C HIS B 45 22.99 -24.67 28.59
N GLY B 46 22.43 -23.59 28.07
CA GLY B 46 23.23 -22.46 27.63
C GLY B 46 23.77 -21.63 28.78
N ARG B 47 25.01 -21.17 28.61
CA ARG B 47 25.68 -20.36 29.62
C ARG B 47 25.68 -18.88 29.27
N HIS B 48 25.06 -18.47 28.17
CA HIS B 48 24.99 -17.06 27.82
C HIS B 48 23.80 -16.40 28.54
N GLN B 49 23.89 -15.09 28.70
CA GLN B 49 22.83 -14.27 29.25
C GLN B 49 22.62 -13.05 28.38
N ILE B 50 21.39 -12.64 28.17
CA ILE B 50 21.03 -11.49 27.34
C ILE B 50 21.13 -10.23 28.19
N ALA B 51 21.59 -9.14 27.57
CA ALA B 51 21.79 -7.89 28.28
C ALA B 51 20.48 -7.12 28.36
N ARG B 52 19.98 -6.93 29.58
CA ARG B 52 18.84 -6.05 29.83
C ARG B 52 19.35 -4.66 30.20
N CYS B 53 19.89 -3.97 29.19
CA CYS B 53 20.56 -2.70 29.37
C CYS B 53 20.26 -1.79 28.19
N LYS B 54 20.87 -0.60 28.21
CA LYS B 54 20.77 0.36 27.12
C LYS B 54 22.16 0.83 26.68
N CYS B 55 23.16 -0.05 26.80
CA CYS B 55 24.52 0.31 26.40
C CYS B 55 24.57 0.68 24.93
N ASN B 56 25.31 1.74 24.61
CA ASN B 56 25.59 2.12 23.24
C ASN B 56 27.00 1.75 22.81
N THR B 57 27.75 1.05 23.65
CA THR B 57 29.10 0.59 23.32
C THR B 57 29.23 -0.89 23.62
N GLY B 58 30.12 -1.55 22.89
CA GLY B 58 30.31 -2.97 23.07
C GLY B 58 31.54 -3.47 22.35
N VAL B 59 31.71 -4.79 22.36
CA VAL B 59 32.81 -5.47 21.69
C VAL B 59 32.24 -6.67 20.96
N TYR B 60 32.65 -6.85 19.70
CA TYR B 60 32.15 -7.94 18.87
C TYR B 60 33.30 -8.71 18.25
N TYR B 61 33.05 -9.98 17.97
CA TYR B 61 34.04 -10.87 17.40
C TYR B 61 33.95 -10.87 15.88
N CYS B 62 35.10 -10.72 15.22
CA CYS B 62 35.18 -10.74 13.76
C CYS B 62 35.83 -12.05 13.34
N ARG B 63 35.05 -12.90 12.65
CA ARG B 63 35.54 -14.22 12.28
C ARG B 63 36.60 -14.13 11.18
N HIS B 64 36.31 -13.37 10.12
CA HIS B 64 37.23 -13.32 8.99
C HIS B 64 38.57 -12.67 9.37
N ARG B 65 38.60 -11.91 10.46
CA ARG B 65 39.84 -11.42 11.03
C ARG B 65 40.16 -12.07 12.36
N ASP B 66 39.25 -12.78 12.96
CA ASP B 66 39.61 -13.47 14.17
C ASP B 66 40.10 -12.56 15.26
N LYS B 67 39.29 -11.61 15.58
CA LYS B 67 39.70 -10.68 16.61
C LYS B 67 38.48 -10.03 17.24
N SER B 68 38.64 -9.59 18.48
CA SER B 68 37.60 -8.88 19.20
C SER B 68 37.80 -7.38 18.96
N TYR B 69 36.79 -6.73 18.39
CA TYR B 69 36.86 -5.32 18.08
C TYR B 69 35.92 -4.53 18.98
N PRO B 70 36.40 -3.53 19.69
CA PRO B 70 35.47 -2.63 20.40
C PRO B 70 34.86 -1.65 19.41
N VAL B 71 33.64 -1.23 19.71
CA VAL B 71 32.90 -0.39 18.78
C VAL B 71 31.82 0.36 19.53
N CYS B 72 31.59 1.60 19.12
CA CYS B 72 30.43 2.37 19.53
C CYS B 72 29.37 2.29 18.43
N PHE B 73 28.16 1.87 18.80
CA PHE B 73 27.09 1.64 17.85
C PHE B 73 25.90 2.52 18.18
N GLU B 74 25.11 2.82 17.15
CA GLU B 74 23.89 3.60 17.30
C GLU B 74 22.71 2.71 17.67
N GLY B 75 21.82 3.24 18.49
CA GLY B 75 20.70 2.51 19.05
C GLY B 75 19.80 1.82 18.05
N PRO B 76 18.96 0.92 18.55
CA PRO B 76 18.07 0.15 17.67
C PRO B 76 17.06 1.03 16.95
N GLY B 77 16.75 0.64 15.72
CA GLY B 77 15.76 1.35 14.93
C GLY B 77 15.69 0.72 13.56
N ILE B 78 14.73 1.17 12.77
CA ILE B 78 14.69 0.70 11.39
C ILE B 78 15.92 1.26 10.70
N GLN B 79 16.68 0.39 10.05
CA GLN B 79 18.02 0.71 9.60
C GLN B 79 18.13 0.62 8.09
N TRP B 80 19.28 1.03 7.59
CA TRP B 80 19.46 1.23 6.18
C TRP B 80 19.17 -0.04 5.40
N ILE B 81 18.49 0.14 4.28
CA ILE B 81 18.13 -0.92 3.35
C ILE B 81 19.40 -1.47 2.72
N GLU B 82 19.54 -2.80 2.72
CA GLU B 82 20.76 -3.42 2.25
C GLU B 82 20.46 -4.68 1.45
N GLN B 83 21.29 -4.92 0.44
CA GLN B 83 21.15 -6.05 -0.46
C GLN B 83 22.29 -7.02 -0.20
N THR B 84 21.94 -8.30 -0.06
CA THR B 84 22.91 -9.38 0.08
C THR B 84 22.51 -10.51 -0.86
N GLU B 85 23.29 -11.59 -0.82
CA GLU B 85 22.91 -12.82 -1.49
C GLU B 85 21.83 -13.58 -0.72
N TYR B 86 21.68 -13.28 0.57
CA TYR B 86 20.66 -13.94 1.38
C TYR B 86 19.35 -13.16 1.41
N TYR B 87 19.41 -11.83 1.38
CA TYR B 87 18.23 -10.99 1.46
C TYR B 87 18.24 -9.95 0.36
N PRO B 88 17.08 -9.48 -0.07
CA PRO B 88 17.02 -8.37 -1.03
C PRO B 88 17.18 -7.03 -0.32
N ALA B 89 17.22 -5.96 -1.13
CA ALA B 89 17.27 -4.62 -0.57
C ALA B 89 16.00 -4.36 0.22
N ARG B 90 16.11 -4.28 1.55
CA ARG B 90 14.96 -4.19 2.43
C ARG B 90 15.35 -3.39 3.66
N TYR B 91 14.35 -2.92 4.38
CA TYR B 91 14.56 -2.22 5.64
C TYR B 91 14.40 -3.21 6.79
N GLN B 92 15.47 -3.42 7.54
CA GLN B 92 15.49 -4.36 8.66
C GLN B 92 15.07 -3.65 9.94
N THR B 93 14.67 -4.45 10.93
CA THR B 93 14.23 -3.95 12.22
C THR B 93 15.24 -4.30 13.31
N ASN B 94 15.24 -3.49 14.36
CA ASN B 94 16.10 -3.72 15.53
C ASN B 94 17.57 -3.83 15.14
N VAL B 95 18.05 -2.85 14.37
CA VAL B 95 19.41 -2.86 13.83
C VAL B 95 20.27 -1.87 14.60
N LEU B 96 21.45 -2.33 15.03
CA LEU B 96 22.46 -1.48 15.65
C LEU B 96 23.61 -1.31 14.66
N LEU B 97 23.91 -0.07 14.30
CA LEU B 97 24.88 0.22 13.26
C LEU B 97 26.11 0.90 13.86
N ALA B 98 27.28 0.48 13.39
CA ALA B 98 28.54 1.01 13.90
C ALA B 98 29.60 0.90 12.80
N ALA B 99 30.81 1.35 13.10
CA ALA B 99 31.91 1.28 12.16
C ALA B 99 32.87 0.17 12.57
N GLY B 100 33.31 -0.62 11.60
CA GLY B 100 34.25 -1.69 11.83
C GLY B 100 34.26 -2.68 10.67
N PRO B 101 35.24 -3.56 10.64
CA PRO B 101 35.29 -4.56 9.55
C PRO B 101 34.17 -5.57 9.68
N ALA B 102 33.66 -6.00 8.52
CA ALA B 102 32.65 -7.04 8.48
C ALA B 102 32.46 -7.54 7.04
N GLU B 103 32.48 -8.86 6.85
CA GLU B 103 32.28 -9.47 5.55
C GLU B 103 31.21 -10.55 5.64
N ALA B 104 30.96 -11.22 4.53
CA ALA B 104 29.84 -12.16 4.43
C ALA B 104 29.94 -13.28 5.45
N GLY B 105 31.13 -13.83 5.67
CA GLY B 105 31.26 -14.98 6.54
C GLY B 105 31.26 -14.69 8.02
N ASP B 106 31.22 -13.43 8.43
CA ASP B 106 31.28 -13.06 9.83
C ASP B 106 29.90 -13.00 10.49
N CYS B 107 28.83 -13.22 9.73
CA CYS B 107 27.50 -13.20 10.29
C CYS B 107 27.36 -14.21 11.42
N GLY B 108 26.68 -13.81 12.48
CA GLY B 108 26.53 -14.61 13.68
C GLY B 108 27.50 -14.29 14.79
N GLY B 109 28.45 -13.38 14.54
CA GLY B 109 29.36 -12.98 15.60
C GLY B 109 28.64 -12.31 16.74
N LEU B 110 29.18 -12.49 17.95
CA LEU B 110 28.53 -12.00 19.16
C LEU B 110 29.00 -10.59 19.48
N LEU B 111 28.04 -9.72 19.79
CA LEU B 111 28.31 -8.40 20.35
C LEU B 111 27.90 -8.44 21.82
N VAL B 112 28.80 -8.00 22.69
CA VAL B 112 28.61 -8.16 24.12
C VAL B 112 28.95 -6.85 24.85
N CYS B 113 28.44 -6.75 26.07
CA CYS B 113 28.79 -5.70 27.01
C CYS B 113 28.89 -6.35 28.39
N PRO B 114 29.24 -5.62 29.43
CA PRO B 114 29.34 -6.24 30.76
C PRO B 114 28.04 -6.86 31.24
N HIS B 115 26.90 -6.48 30.65
CA HIS B 115 25.61 -7.02 31.07
C HIS B 115 25.25 -8.32 30.37
N GLY B 116 25.85 -8.62 29.23
CA GLY B 116 25.55 -9.83 28.50
C GLY B 116 25.61 -9.58 27.01
N VAL B 117 24.92 -10.41 26.25
CA VAL B 117 24.94 -10.33 24.80
C VAL B 117 23.95 -9.27 24.37
N ILE B 118 24.35 -8.44 23.40
CA ILE B 118 23.47 -7.39 22.88
C ILE B 118 22.87 -7.81 21.55
N GLY B 119 23.68 -8.35 20.64
CA GLY B 119 23.16 -8.71 19.33
C GLY B 119 24.07 -9.64 18.59
N LEU B 120 23.61 -10.03 17.40
CA LEU B 120 24.35 -10.90 16.50
C LEU B 120 24.62 -10.13 15.21
N LEU B 121 25.80 -10.34 14.65
CA LEU B 121 26.21 -9.62 13.45
C LEU B 121 25.33 -10.03 12.28
N THR B 122 24.57 -9.08 11.73
CA THR B 122 23.64 -9.38 10.66
C THR B 122 24.32 -9.28 9.29
N ALA B 123 25.04 -8.19 9.05
CA ALA B 123 25.71 -7.97 7.77
C ALA B 123 26.75 -6.87 7.96
N GLY B 124 27.33 -6.42 6.86
CA GLY B 124 28.29 -5.33 6.90
C GLY B 124 29.21 -5.35 5.70
N GLY B 125 30.01 -4.31 5.63
CA GLY B 125 30.94 -4.09 4.55
C GLY B 125 31.24 -2.61 4.43
N GLY B 126 32.31 -2.30 3.70
CA GLY B 126 32.64 -0.91 3.43
C GLY B 126 32.86 -0.06 4.66
N GLY B 127 33.24 -0.67 5.79
CA GLY B 127 33.48 0.05 7.01
C GLY B 127 32.28 0.20 7.93
N ILE B 128 31.16 -0.40 7.59
CA ILE B 128 29.95 -0.34 8.40
C ILE B 128 29.52 -1.76 8.74
N VAL B 129 29.22 -1.99 10.02
CA VAL B 129 28.80 -3.29 10.52
C VAL B 129 27.50 -3.12 11.28
N ALA B 130 26.58 -4.07 11.09
CA ALA B 130 25.25 -4.04 11.68
C ALA B 130 25.01 -5.29 12.51
N PHE B 131 24.25 -5.13 13.59
CA PHE B 131 23.92 -6.23 14.49
C PHE B 131 22.41 -6.24 14.71
N THR B 132 21.90 -7.42 15.09
CA THR B 132 20.50 -7.59 15.44
C THR B 132 20.37 -7.50 16.95
N ASP B 133 19.71 -6.46 17.43
CA ASP B 133 19.50 -6.28 18.86
C ASP B 133 18.55 -7.35 19.38
N ILE B 134 18.97 -8.11 20.38
CA ILE B 134 18.16 -9.19 20.92
C ILE B 134 17.69 -8.89 22.33
N ARG B 135 17.86 -7.64 22.78
CA ARG B 135 17.49 -7.27 24.14
C ARG B 135 15.99 -7.43 24.38
N ASN B 136 15.18 -7.37 23.32
CA ASN B 136 13.74 -7.55 23.48
C ASN B 136 13.34 -8.98 23.78
N LEU B 137 14.25 -9.95 23.59
CA LEU B 137 13.97 -11.36 23.78
C LEU B 137 14.33 -11.86 25.17
N LEU B 138 14.58 -10.96 26.12
CA LEU B 138 15.02 -11.39 27.45
C LEU B 138 13.98 -12.23 28.18
N TRP B 139 12.72 -12.23 27.73
CA TRP B 139 11.73 -13.10 28.34
C TRP B 139 12.14 -14.55 28.29
N LEU B 140 13.09 -14.90 27.42
CA LEU B 140 13.60 -16.27 27.37
C LEU B 140 14.24 -16.67 28.68
N ASP B 141 15.01 -15.75 29.30
CA ASP B 141 15.68 -16.08 30.56
C ASP B 141 14.68 -16.50 31.62
N THR B 142 13.58 -15.76 31.76
CA THR B 142 12.56 -16.09 32.74
C THR B 142 13.13 -16.16 34.14
N GLY C 1 -10.37 0.62 4.68
CA GLY C 1 -9.40 1.12 5.69
C GLY C 1 -10.02 2.13 6.64
N PRO C 2 -10.22 3.36 6.16
CA PRO C 2 -10.83 4.38 7.02
C PRO C 2 -12.22 3.99 7.52
N GLY C 3 -12.98 3.25 6.72
CA GLY C 3 -14.27 2.76 7.15
C GLY C 3 -15.44 3.71 6.93
N PHE C 4 -15.27 4.74 6.11
CA PHE C 4 -16.34 5.67 5.81
C PHE C 4 -16.47 5.99 4.33
N GLY C 5 -15.51 5.56 3.50
CA GLY C 5 -15.52 5.95 2.10
C GLY C 5 -16.26 5.01 1.18
N GLY C 6 -17.19 4.23 1.70
CA GLY C 6 -17.85 3.22 0.90
C GLY C 6 -17.07 1.92 0.91
N VAL C 7 -17.55 0.97 0.12
CA VAL C 7 -16.96 -0.36 0.03
C VAL C 7 -16.18 -0.46 -1.28
N PHE C 8 -15.00 -1.06 -1.21
CA PHE C 8 -14.11 -1.20 -2.36
C PHE C 8 -13.88 -2.70 -2.58
N VAL C 9 -14.53 -3.26 -3.59
CA VAL C 9 -14.47 -4.70 -3.84
C VAL C 9 -13.93 -4.85 -5.26
N GLY C 10 -12.80 -5.53 -5.40
CA GLY C 10 -12.21 -5.66 -6.73
C GLY C 10 -11.95 -4.29 -7.32
N SER C 11 -12.37 -4.11 -8.58
CA SER C 11 -12.25 -2.83 -9.27
C SER C 11 -13.54 -2.02 -9.23
N PHE C 12 -14.33 -2.19 -8.17
CA PHE C 12 -15.64 -1.56 -8.07
C PHE C 12 -15.77 -0.86 -6.73
N LYS C 13 -16.60 0.18 -6.70
CA LYS C 13 -16.79 1.02 -5.53
C LYS C 13 -18.28 1.12 -5.24
N ILE C 14 -18.66 0.88 -3.99
CA ILE C 14 -20.05 0.93 -3.54
C ILE C 14 -20.17 2.10 -2.58
N ILE C 15 -21.12 2.99 -2.86
CA ILE C 15 -21.30 4.22 -2.09
C ILE C 15 -22.78 4.56 -2.02
N ASN C 16 -23.10 5.56 -1.20
CA ASN C 16 -24.47 6.07 -1.13
C ASN C 16 -24.76 6.90 -2.38
N TYR C 17 -26.02 6.87 -2.80
CA TYR C 17 -26.39 7.62 -4.00
C TYR C 17 -26.18 9.11 -3.80
N HIS C 18 -26.54 9.63 -2.62
CA HIS C 18 -26.44 11.06 -2.39
C HIS C 18 -24.99 11.53 -2.30
N LEU C 19 -24.05 10.61 -2.12
CA LEU C 19 -22.63 10.95 -2.02
C LEU C 19 -21.90 10.68 -3.32
N ALA C 20 -22.61 10.34 -4.39
CA ALA C 20 -21.97 10.02 -5.66
C ALA C 20 -21.81 11.27 -6.49
N THR C 21 -20.78 11.26 -7.33
CA THR C 21 -20.54 12.33 -8.29
C THR C 21 -21.10 11.89 -9.63
N ILE C 22 -21.25 12.86 -10.54
CA ILE C 22 -21.79 12.57 -11.86
C ILE C 22 -20.94 11.50 -12.54
N GLU C 23 -19.62 11.69 -12.49
CA GLU C 23 -18.71 10.84 -13.24
C GLU C 23 -18.87 9.41 -12.77
N GLU C 24 -18.95 9.22 -11.46
CA GLU C 24 -19.25 7.91 -10.91
C GLU C 24 -20.66 7.49 -11.34
N ARG C 25 -21.61 8.43 -11.31
CA ARG C 25 -22.98 8.12 -11.71
C ARG C 25 -23.05 7.77 -13.19
N GLN C 26 -22.25 8.44 -14.02
CA GLN C 26 -22.25 8.17 -15.45
C GLN C 26 -21.59 6.84 -15.80
N SER C 27 -20.80 6.28 -14.89
CA SER C 27 -20.13 5.01 -15.08
C SER C 27 -20.73 3.90 -14.22
N ALA C 28 -21.82 4.19 -13.50
CA ALA C 28 -22.35 3.23 -12.53
C ALA C 28 -22.75 1.93 -13.20
N ILE C 29 -22.35 0.81 -12.59
CA ILE C 29 -22.77 -0.50 -13.08
C ILE C 29 -24.09 -0.91 -12.45
N TYR C 30 -24.41 -0.41 -11.25
CA TYR C 30 -25.67 -0.69 -10.59
C TYR C 30 -26.09 0.56 -9.82
N VAL C 31 -27.39 0.84 -9.83
CA VAL C 31 -27.93 2.03 -9.14
C VAL C 31 -29.30 1.71 -8.60
N ASP C 32 -29.54 2.06 -7.33
CA ASP C 32 -30.86 1.98 -6.72
C ASP C 32 -31.11 3.24 -5.91
N TRP C 33 -32.05 4.07 -6.36
CA TRP C 33 -32.33 5.32 -5.65
C TRP C 33 -33.00 5.07 -4.31
N GLN C 34 -33.94 4.13 -4.24
CA GLN C 34 -34.60 3.83 -2.97
C GLN C 34 -33.61 3.30 -1.95
N SER C 35 -32.74 2.37 -2.36
CA SER C 35 -31.73 1.84 -1.45
C SER C 35 -30.59 2.81 -1.22
N ASP C 36 -30.49 3.88 -2.00
CA ASP C 36 -29.43 4.89 -1.85
C ASP C 36 -28.05 4.24 -1.99
N VAL C 37 -27.80 3.69 -3.16
CA VAL C 37 -26.56 2.96 -3.40
C VAL C 37 -26.19 3.06 -4.88
N LEU C 38 -24.88 3.13 -5.13
CA LEU C 38 -24.33 2.96 -6.46
C LEU C 38 -23.22 1.93 -6.41
N VAL C 39 -23.01 1.24 -7.53
CA VAL C 39 -21.85 0.37 -7.72
C VAL C 39 -21.21 0.83 -9.02
N THR C 40 -20.02 1.38 -8.93
CA THR C 40 -19.32 1.99 -10.04
C THR C 40 -17.89 1.50 -10.13
N PRO C 41 -17.35 1.35 -11.34
CA PRO C 41 -15.98 0.86 -11.48
C PRO C 41 -14.95 1.90 -11.02
N ILE C 42 -13.84 1.37 -10.52
CA ILE C 42 -12.71 2.19 -10.07
C ILE C 42 -11.43 1.44 -10.42
N ALA C 43 -10.41 2.19 -10.84
CA ALA C 43 -9.13 1.59 -11.25
C ALA C 43 -8.25 1.36 -10.03
N ALA C 44 -8.63 0.35 -9.26
CA ALA C 44 -7.90 0.00 -8.05
C ALA C 44 -8.29 -1.40 -7.61
N HIS C 45 -7.40 -2.03 -6.85
CA HIS C 45 -7.63 -3.37 -6.32
C HIS C 45 -8.24 -3.26 -4.93
N GLY C 46 -9.54 -3.53 -4.83
CA GLY C 46 -10.23 -3.44 -3.55
C GLY C 46 -9.92 -4.61 -2.63
N ARG C 47 -9.78 -4.30 -1.35
CA ARG C 47 -9.50 -5.30 -0.32
C ARG C 47 -10.72 -5.66 0.51
N HIS C 48 -11.88 -5.08 0.23
CA HIS C 48 -13.10 -5.38 0.97
C HIS C 48 -13.80 -6.61 0.40
N GLN C 49 -14.60 -7.26 1.24
CA GLN C 49 -15.44 -8.37 0.84
C GLN C 49 -16.83 -8.21 1.41
N ILE C 50 -17.84 -8.56 0.62
CA ILE C 50 -19.23 -8.46 1.05
C ILE C 50 -19.60 -9.72 1.83
N ALA C 51 -20.46 -9.53 2.84
CA ALA C 51 -20.84 -10.64 3.71
C ALA C 51 -21.94 -11.46 3.04
N ARG C 52 -21.63 -12.71 2.72
CA ARG C 52 -22.63 -13.67 2.25
C ARG C 52 -23.17 -14.45 3.45
N CYS C 53 -23.95 -13.75 4.27
CA CYS C 53 -24.40 -14.31 5.53
C CYS C 53 -25.80 -13.82 5.85
N LYS C 54 -26.29 -14.22 7.03
CA LYS C 54 -27.56 -13.77 7.57
C LYS C 54 -27.38 -13.18 8.96
N CYS C 55 -26.21 -12.60 9.23
CA CYS C 55 -25.95 -12.02 10.54
C CYS C 55 -26.96 -10.92 10.83
N ASN C 56 -27.47 -10.93 12.06
CA ASN C 56 -28.31 -9.85 12.57
C ASN C 56 -27.58 -8.94 13.54
N THR C 57 -26.28 -9.14 13.73
CA THR C 57 -25.47 -8.32 14.61
C THR C 57 -24.22 -7.87 13.87
N GLY C 58 -23.69 -6.72 14.26
CA GLY C 58 -22.52 -6.19 13.61
C GLY C 58 -21.94 -5.02 14.37
N VAL C 59 -20.95 -4.40 13.74
CA VAL C 59 -20.27 -3.22 14.28
C VAL C 59 -20.12 -2.21 13.16
N TYR C 60 -20.43 -0.95 13.45
CA TYR C 60 -20.39 0.11 12.45
C TYR C 60 -19.54 1.26 12.96
N TYR C 61 -18.94 1.98 12.04
CA TYR C 61 -18.04 3.08 12.36
C TYR C 61 -18.82 4.39 12.42
N CYS C 62 -18.62 5.14 13.50
CA CYS C 62 -19.22 6.46 13.66
C CYS C 62 -18.13 7.49 13.48
N ARG C 63 -18.21 8.27 12.39
CA ARG C 63 -17.13 9.19 12.07
C ARG C 63 -17.11 10.39 13.02
N HIS C 64 -18.27 10.99 13.29
CA HIS C 64 -18.29 12.23 14.06
C HIS C 64 -17.76 12.07 15.48
N ARG C 65 -17.75 10.84 16.03
CA ARG C 65 -17.02 10.57 17.27
C ARG C 65 -15.86 9.60 17.06
N ASP C 66 -15.69 9.04 15.86
CA ASP C 66 -14.54 8.18 15.55
C ASP C 66 -14.47 6.96 16.46
N LYS C 67 -15.54 6.17 16.45
CA LYS C 67 -15.60 4.97 17.26
C LYS C 67 -16.43 3.92 16.56
N SER C 68 -16.11 2.66 16.84
CA SER C 68 -16.86 1.51 16.32
C SER C 68 -17.90 1.09 17.34
N TYR C 69 -19.16 1.10 16.93
CA TYR C 69 -20.26 0.76 17.83
C TYR C 69 -20.86 -0.58 17.44
N PRO C 70 -20.91 -1.57 18.32
CA PRO C 70 -21.66 -2.79 18.01
C PRO C 70 -23.14 -2.61 18.24
N VAL C 71 -23.93 -3.34 17.46
CA VAL C 71 -25.39 -3.21 17.50
C VAL C 71 -26.03 -4.43 16.87
N CYS C 72 -27.18 -4.82 17.40
CA CYS C 72 -28.06 -5.79 16.75
C CYS C 72 -29.10 -5.01 15.96
N PHE C 73 -29.25 -5.34 14.68
CA PHE C 73 -30.08 -4.58 13.77
C PHE C 73 -31.22 -5.44 13.23
N GLU C 74 -32.26 -4.76 12.76
CA GLU C 74 -33.41 -5.42 12.18
C GLU C 74 -33.12 -5.80 10.73
N GLY C 75 -33.63 -6.96 10.31
CA GLY C 75 -33.36 -7.49 9.00
C GLY C 75 -33.70 -6.51 7.89
N PRO C 76 -33.26 -6.82 6.67
CA PRO C 76 -33.52 -5.89 5.56
C PRO C 76 -35.01 -5.73 5.32
N GLY C 77 -35.41 -4.50 4.98
CA GLY C 77 -36.80 -4.23 4.70
C GLY C 77 -37.01 -2.76 4.43
N ILE C 78 -38.22 -2.44 3.94
CA ILE C 78 -38.61 -1.06 3.71
C ILE C 78 -38.90 -0.37 5.04
N GLN C 79 -38.40 0.86 5.20
CA GLN C 79 -38.49 1.57 6.47
C GLN C 79 -39.31 2.83 6.31
N TRP C 80 -39.70 3.40 7.45
CA TRP C 80 -40.69 4.46 7.52
C TRP C 80 -40.21 5.72 6.78
N ILE C 81 -41.18 6.59 6.49
CA ILE C 81 -40.91 7.85 5.81
C ILE C 81 -40.07 8.77 6.69
N GLU C 82 -38.95 9.25 6.14
CA GLU C 82 -38.08 10.18 6.84
C GLU C 82 -37.48 11.14 5.82
N GLN C 83 -37.36 12.42 6.19
CA GLN C 83 -36.82 13.45 5.31
C GLN C 83 -35.50 13.97 5.86
N THR C 84 -34.53 14.20 4.97
CA THR C 84 -33.25 14.79 5.30
C THR C 84 -32.95 15.97 4.37
N GLU C 85 -31.77 16.55 4.50
CA GLU C 85 -31.37 17.64 3.61
C GLU C 85 -31.02 17.15 2.20
N TYR C 86 -30.69 15.88 2.03
CA TYR C 86 -30.39 15.36 0.70
C TYR C 86 -31.61 14.73 0.02
N TYR C 87 -32.51 14.11 0.78
CA TYR C 87 -33.60 13.34 0.21
C TYR C 87 -34.93 13.85 0.76
N PRO C 88 -36.02 13.67 0.03
CA PRO C 88 -37.33 14.03 0.58
C PRO C 88 -37.84 12.92 1.49
N ALA C 89 -38.98 13.21 2.13
CA ALA C 89 -39.63 12.23 3.00
C ALA C 89 -40.05 11.02 2.17
N ARG C 90 -39.37 9.89 2.38
CA ARG C 90 -39.58 8.72 1.52
C ARG C 90 -39.37 7.45 2.33
N TYR C 91 -39.89 6.35 1.78
CA TYR C 91 -39.66 5.01 2.33
C TYR C 91 -38.55 4.34 1.54
N GLN C 92 -37.44 4.04 2.22
CA GLN C 92 -36.29 3.41 1.59
C GLN C 92 -36.42 1.90 1.62
N THR C 93 -35.66 1.24 0.75
CA THR C 93 -35.63 -0.22 0.64
C THR C 93 -34.30 -0.77 1.11
N ASN C 94 -34.31 -2.03 1.53
CA ASN C 94 -33.12 -2.73 1.99
C ASN C 94 -32.46 -1.98 3.15
N VAL C 95 -33.25 -1.69 4.17
CA VAL C 95 -32.82 -0.87 5.31
C VAL C 95 -32.58 -1.76 6.52
N LEU C 96 -31.43 -1.56 7.16
CA LEU C 96 -31.07 -2.23 8.41
C LEU C 96 -31.16 -1.20 9.53
N LEU C 97 -31.99 -1.48 10.53
CA LEU C 97 -32.31 -0.53 11.58
C LEU C 97 -31.72 -0.96 12.91
N ALA C 98 -31.08 -0.01 13.59
CA ALA C 98 -30.50 -0.20 14.92
C ALA C 98 -30.31 1.19 15.51
N ALA C 99 -29.83 1.23 16.75
CA ALA C 99 -29.48 2.50 17.38
C ALA C 99 -27.97 2.64 17.50
N GLY C 100 -27.55 3.90 17.54
CA GLY C 100 -26.18 4.26 17.75
C GLY C 100 -26.08 5.70 17.34
N PRO C 101 -25.00 6.36 17.70
CA PRO C 101 -24.84 7.76 17.26
C PRO C 101 -24.69 7.79 15.76
N ALA C 102 -25.21 8.85 15.15
CA ALA C 102 -25.13 9.02 13.71
C ALA C 102 -25.46 10.47 13.39
N GLU C 103 -24.61 11.11 12.60
CA GLU C 103 -24.81 12.50 12.24
C GLU C 103 -24.65 12.68 10.74
N ALA C 104 -24.75 13.93 10.31
CA ALA C 104 -24.79 14.21 8.87
C ALA C 104 -23.55 13.68 8.17
N GLY C 105 -22.39 13.81 8.79
CA GLY C 105 -21.16 13.38 8.15
C GLY C 105 -20.87 11.91 8.19
N ASP C 106 -21.71 11.10 8.84
CA ASP C 106 -21.44 9.67 8.98
C ASP C 106 -22.00 8.83 7.84
N CYS C 107 -22.71 9.41 6.88
CA CYS C 107 -23.19 8.62 5.77
C CYS C 107 -22.03 7.98 5.05
N GLY C 108 -22.17 6.71 4.71
CA GLY C 108 -21.09 5.96 4.10
C GLY C 108 -20.28 5.12 5.07
N GLY C 109 -20.55 5.23 6.37
CA GLY C 109 -19.84 4.40 7.32
C GLY C 109 -20.13 2.93 7.09
N LEU C 110 -19.12 2.10 7.36
CA LEU C 110 -19.21 0.68 7.06
C LEU C 110 -19.74 -0.11 8.26
N LEU C 111 -20.70 -0.98 7.99
CA LEU C 111 -21.17 -1.97 8.95
C LEU C 111 -20.63 -3.33 8.50
N VAL C 112 -19.98 -4.04 9.42
CA VAL C 112 -19.25 -5.26 9.08
C VAL C 112 -19.52 -6.34 10.13
N CYS C 113 -19.25 -7.58 9.73
CA CYS C 113 -19.26 -8.74 10.61
C CYS C 113 -18.05 -9.59 10.23
N PRO C 114 -17.81 -10.71 10.91
CA PRO C 114 -16.64 -11.54 10.56
C PRO C 114 -16.65 -12.02 9.11
N HIS C 115 -17.81 -12.00 8.44
CA HIS C 115 -17.90 -12.46 7.06
C HIS C 115 -17.53 -11.39 6.05
N GLY C 116 -17.60 -10.12 6.43
CA GLY C 116 -17.29 -9.03 5.54
C GLY C 116 -18.20 -7.86 5.81
N VAL C 117 -18.35 -7.01 4.80
CA VAL C 117 -19.20 -5.83 4.91
C VAL C 117 -20.65 -6.23 4.72
N ILE C 118 -21.52 -5.72 5.58
CA ILE C 118 -22.94 -6.00 5.49
C ILE C 118 -23.70 -4.85 4.84
N GLY C 119 -23.40 -3.61 5.23
CA GLY C 119 -24.13 -2.49 4.69
C GLY C 119 -23.39 -1.18 4.91
N LEU C 120 -24.00 -0.10 4.40
CA LEU C 120 -23.48 1.25 4.52
C LEU C 120 -24.46 2.11 5.29
N LEU C 121 -23.94 2.99 6.15
CA LEU C 121 -24.79 3.82 6.99
C LEU C 121 -25.51 4.84 6.11
N THR C 122 -26.84 4.76 6.05
CA THR C 122 -27.61 5.64 5.17
C THR C 122 -28.03 6.94 5.86
N ALA C 123 -28.58 6.85 7.07
CA ALA C 123 -29.05 8.02 7.81
C ALA C 123 -29.18 7.63 9.27
N GLY C 124 -29.70 8.54 10.09
CA GLY C 124 -29.89 8.28 11.50
C GLY C 124 -29.11 9.24 12.38
N GLY C 125 -29.23 9.00 13.67
CA GLY C 125 -28.56 9.80 14.68
C GLY C 125 -29.32 9.65 15.98
N GLY C 126 -29.02 10.52 16.94
CA GLY C 126 -29.89 10.67 18.09
C GLY C 126 -30.40 9.39 18.72
N GLY C 127 -29.68 8.28 18.55
CA GLY C 127 -30.11 7.00 19.05
C GLY C 127 -30.85 6.12 18.05
N ILE C 128 -30.98 6.52 16.80
CA ILE C 128 -31.49 5.67 15.73
C ILE C 128 -30.54 5.75 14.55
N VAL C 129 -30.08 4.59 14.05
CA VAL C 129 -29.19 4.55 12.90
C VAL C 129 -29.68 3.50 11.90
N ALA C 130 -29.60 3.83 10.61
CA ALA C 130 -30.04 2.94 9.54
C ALA C 130 -28.91 2.74 8.53
N PHE C 131 -28.87 1.54 7.96
CA PHE C 131 -27.85 1.18 6.97
C PHE C 131 -28.50 0.56 5.75
N THR C 132 -27.78 0.62 4.63
CA THR C 132 -28.18 -0.07 3.39
C THR C 132 -27.51 -1.42 3.32
N ASP C 133 -28.31 -2.48 3.36
CA ASP C 133 -27.80 -3.83 3.25
C ASP C 133 -27.28 -4.04 1.83
N ILE C 134 -26.02 -4.45 1.71
CA ILE C 134 -25.39 -4.66 0.42
C ILE C 134 -25.10 -6.14 0.16
N ARG C 135 -25.67 -7.02 0.98
CA ARG C 135 -25.47 -8.45 0.80
C ARG C 135 -26.07 -8.96 -0.51
N ASN C 136 -27.06 -8.27 -1.07
CA ASN C 136 -27.64 -8.72 -2.33
C ASN C 136 -26.72 -8.46 -3.53
N LEU C 137 -25.72 -7.61 -3.38
CA LEU C 137 -24.83 -7.25 -4.48
C LEU C 137 -23.55 -8.10 -4.50
N LEU C 138 -23.50 -9.20 -3.77
CA LEU C 138 -22.28 -9.99 -3.68
C LEU C 138 -21.84 -10.54 -5.04
N TRP C 139 -22.72 -10.58 -6.04
CA TRP C 139 -22.32 -10.98 -7.38
C TRP C 139 -21.20 -10.13 -7.93
N LEU C 140 -20.91 -8.98 -7.31
CA LEU C 140 -19.79 -8.15 -7.76
C LEU C 140 -18.48 -8.94 -7.74
N ASP C 141 -18.32 -9.82 -6.75
CA ASP C 141 -17.10 -10.63 -6.69
C ASP C 141 -16.89 -11.42 -7.97
N THR C 142 -17.97 -11.98 -8.52
CA THR C 142 -17.89 -12.80 -9.73
C THR C 142 -17.10 -14.07 -9.46
N GLY D 1 7.35 -3.80 -15.19
CA GLY D 1 6.71 -4.81 -16.08
C GLY D 1 6.89 -4.49 -17.55
N PRO D 2 6.16 -3.48 -18.03
CA PRO D 2 6.28 -3.12 -19.45
C PRO D 2 7.68 -2.76 -19.88
N GLY D 3 8.49 -2.20 -18.98
CA GLY D 3 9.87 -1.88 -19.29
C GLY D 3 10.09 -0.51 -19.87
N PHE D 4 9.15 0.42 -19.71
CA PHE D 4 9.30 1.78 -20.19
C PHE D 4 8.93 2.85 -19.17
N GLY D 5 8.31 2.49 -18.06
CA GLY D 5 7.76 3.48 -17.15
C GLY D 5 8.72 3.93 -16.07
N GLY D 6 10.01 3.79 -16.31
CA GLY D 6 10.98 4.10 -15.29
C GLY D 6 11.23 2.90 -14.40
N VAL D 7 12.05 3.12 -13.38
CA VAL D 7 12.46 2.08 -12.45
C VAL D 7 11.67 2.27 -11.15
N PHE D 8 11.17 1.17 -10.60
CA PHE D 8 10.40 1.21 -9.36
C PHE D 8 11.09 0.31 -8.35
N VAL D 9 11.78 0.91 -7.38
CA VAL D 9 12.55 0.18 -6.38
C VAL D 9 12.02 0.55 -5.00
N GLY D 10 11.59 -0.46 -4.25
CA GLY D 10 11.04 -0.21 -2.93
C GLY D 10 9.88 0.76 -3.02
N SER D 11 9.89 1.78 -2.16
CA SER D 11 8.88 2.84 -2.16
C SER D 11 9.35 4.08 -2.90
N PHE D 12 10.27 3.94 -3.85
CA PHE D 12 10.87 5.05 -4.57
C PHE D 12 10.82 4.78 -6.06
N LYS D 13 10.80 5.85 -6.85
CA LYS D 13 10.71 5.79 -8.30
C LYS D 13 11.84 6.59 -8.93
N ILE D 14 12.54 5.98 -9.88
CA ILE D 14 13.67 6.60 -10.58
C ILE D 14 13.29 6.79 -12.04
N ILE D 15 13.40 8.04 -12.52
CA ILE D 15 13.06 8.34 -13.90
C ILE D 15 13.95 9.45 -14.44
N ASN D 16 13.77 9.78 -15.72
CA ASN D 16 14.50 10.86 -16.36
C ASN D 16 14.01 12.22 -15.86
N TYR D 17 14.93 13.20 -15.87
CA TYR D 17 14.58 14.55 -15.47
C TYR D 17 13.54 15.17 -16.39
N HIS D 18 13.70 14.99 -17.70
CA HIS D 18 12.79 15.61 -18.66
C HIS D 18 11.42 14.94 -18.69
N LEU D 19 11.31 13.73 -18.13
CA LEU D 19 10.04 13.01 -18.11
C LEU D 19 9.32 13.11 -16.76
N ALA D 20 9.80 13.95 -15.86
CA ALA D 20 9.23 14.08 -14.53
C ALA D 20 8.14 15.14 -14.48
N THR D 21 7.22 14.98 -13.53
CA THR D 21 6.13 15.91 -13.31
C THR D 21 6.55 16.87 -12.20
N ILE D 22 5.80 17.97 -12.06
CA ILE D 22 6.21 19.01 -11.13
C ILE D 22 6.28 18.45 -9.72
N GLU D 23 5.25 17.68 -9.34
CA GLU D 23 5.16 17.15 -7.98
C GLU D 23 6.37 16.28 -7.63
N GLU D 24 6.80 15.41 -8.56
CA GLU D 24 7.96 14.56 -8.33
C GLU D 24 9.19 15.38 -8.06
N ARG D 25 9.39 16.44 -8.87
CA ARG D 25 10.57 17.30 -8.68
C ARG D 25 10.50 18.01 -7.33
N GLN D 26 9.30 18.41 -6.92
CA GLN D 26 9.12 19.00 -5.60
C GLN D 26 9.22 17.94 -4.52
N SER D 27 9.04 16.66 -4.88
CA SER D 27 9.14 15.56 -3.93
C SER D 27 10.38 14.70 -4.15
N ALA D 28 11.20 15.01 -5.14
CA ALA D 28 12.35 14.17 -5.46
C ALA D 28 13.34 14.16 -4.31
N ILE D 29 13.84 12.97 -3.97
CA ILE D 29 14.88 12.85 -2.97
C ILE D 29 16.27 13.03 -3.57
N TYR D 30 16.42 12.78 -4.88
CA TYR D 30 17.68 12.97 -5.58
C TYR D 30 17.40 13.51 -6.97
N VAL D 31 18.24 14.44 -7.42
CA VAL D 31 18.10 15.05 -8.73
C VAL D 31 19.49 15.36 -9.28
N ASP D 32 19.74 14.99 -10.54
CA ASP D 32 20.97 15.36 -11.23
C ASP D 32 20.59 15.78 -12.65
N TRP D 33 20.75 17.07 -12.95
CA TRP D 33 20.38 17.55 -14.28
C TRP D 33 21.33 17.02 -15.35
N GLN D 34 22.62 16.95 -15.05
CA GLN D 34 23.57 16.46 -16.05
C GLN D 34 23.24 15.03 -16.46
N SER D 35 23.01 14.15 -15.50
CA SER D 35 22.69 12.76 -15.83
C SER D 35 21.25 12.57 -16.27
N ASP D 36 20.39 13.57 -16.11
CA ASP D 36 18.97 13.44 -16.48
C ASP D 36 18.33 12.30 -15.68
N VAL D 37 18.31 12.48 -14.36
CA VAL D 37 17.83 11.46 -13.44
C VAL D 37 17.24 12.15 -12.21
N LEU D 38 16.11 11.61 -11.75
CA LEU D 38 15.51 11.97 -10.47
C LEU D 38 15.15 10.69 -9.73
N VAL D 39 15.15 10.78 -8.40
CA VAL D 39 14.66 9.72 -7.53
C VAL D 39 13.66 10.33 -6.56
N THR D 40 12.40 9.87 -6.62
CA THR D 40 11.34 10.44 -5.81
C THR D 40 10.60 9.32 -5.10
N PRO D 41 10.15 9.57 -3.86
CA PRO D 41 9.40 8.53 -3.15
C PRO D 41 8.02 8.32 -3.74
N ILE D 42 7.54 7.08 -3.66
CA ILE D 42 6.21 6.73 -4.14
C ILE D 42 5.62 5.67 -3.22
N ALA D 43 4.31 5.77 -2.96
CA ALA D 43 3.63 4.84 -2.06
C ALA D 43 3.18 3.61 -2.85
N ALA D 44 4.17 2.77 -3.18
CA ALA D 44 3.96 1.53 -3.88
C ALA D 44 5.21 0.70 -3.67
N HIS D 45 5.06 -0.62 -3.73
CA HIS D 45 6.18 -1.52 -3.53
C HIS D 45 6.76 -1.86 -4.90
N GLY D 46 7.89 -1.24 -5.22
CA GLY D 46 8.53 -1.52 -6.50
C GLY D 46 9.23 -2.86 -6.43
N ARG D 47 9.16 -3.60 -7.53
CA ARG D 47 9.75 -4.92 -7.62
C ARG D 47 11.07 -4.93 -8.38
N HIS D 48 11.55 -3.77 -8.80
CA HIS D 48 12.82 -3.71 -9.52
C HIS D 48 13.98 -3.67 -8.53
N GLN D 49 15.15 -4.11 -9.01
CA GLN D 49 16.39 -4.05 -8.25
C GLN D 49 17.48 -3.49 -9.15
N ILE D 50 18.34 -2.65 -8.59
CA ILE D 50 19.43 -2.03 -9.33
C ILE D 50 20.62 -2.96 -9.34
N ALA D 51 21.34 -2.96 -10.45
CA ALA D 51 22.47 -3.87 -10.63
C ALA D 51 23.71 -3.31 -9.95
N ARG D 52 24.20 -4.01 -8.93
CA ARG D 52 25.48 -3.68 -8.30
C ARG D 52 26.57 -4.53 -8.93
N CYS D 53 26.90 -4.19 -10.18
CA CYS D 53 27.82 -4.96 -10.99
C CYS D 53 28.61 -4.02 -11.88
N LYS D 54 29.45 -4.61 -12.73
CA LYS D 54 30.21 -3.89 -13.75
C LYS D 54 29.98 -4.49 -15.13
N CYS D 55 28.78 -5.01 -15.36
CA CYS D 55 28.47 -5.60 -16.66
C CYS D 55 28.68 -4.59 -17.77
N ASN D 56 29.30 -5.04 -18.87
CA ASN D 56 29.42 -4.24 -20.08
C ASN D 56 28.44 -4.69 -21.15
N THR D 57 27.56 -5.62 -20.84
CA THR D 57 26.53 -6.10 -21.75
C THR D 57 25.18 -6.06 -21.05
N GLY D 58 24.13 -5.90 -21.84
CA GLY D 58 22.80 -5.83 -21.28
C GLY D 58 21.75 -5.93 -22.36
N VAL D 59 20.50 -5.73 -21.94
CA VAL D 59 19.36 -5.77 -22.85
C VAL D 59 18.46 -4.59 -22.50
N TYR D 60 18.01 -3.87 -23.52
CA TYR D 60 17.18 -2.69 -23.33
C TYR D 60 15.94 -2.82 -24.20
N TYR D 61 14.85 -2.21 -23.74
CA TYR D 61 13.57 -2.27 -24.43
C TYR D 61 13.43 -1.07 -25.36
N CYS D 62 13.06 -1.34 -26.61
CA CYS D 62 12.81 -0.30 -27.60
C CYS D 62 11.31 -0.24 -27.82
N ARG D 63 10.69 0.88 -27.42
CA ARG D 63 9.24 0.98 -27.48
C ARG D 63 8.74 1.11 -28.91
N HIS D 64 9.35 1.99 -29.69
CA HIS D 64 8.86 2.25 -31.04
C HIS D 64 8.99 1.04 -31.95
N ARG D 65 9.84 0.07 -31.59
CA ARG D 65 9.85 -1.22 -32.25
C ARG D 65 9.31 -2.35 -31.38
N ASP D 66 9.04 -2.09 -30.09
CA ASP D 66 8.43 -3.06 -29.19
C ASP D 66 9.24 -4.36 -29.15
N LYS D 67 10.53 -4.23 -28.87
CA LYS D 67 11.40 -5.39 -28.81
C LYS D 67 12.53 -5.13 -27.82
N SER D 68 13.04 -6.22 -27.25
CA SER D 68 14.19 -6.16 -26.36
C SER D 68 15.46 -6.39 -27.17
N TYR D 69 16.37 -5.42 -27.14
CA TYR D 69 17.59 -5.50 -27.92
C TYR D 69 18.79 -5.70 -27.01
N PRO D 70 19.61 -6.72 -27.25
CA PRO D 70 20.87 -6.85 -26.51
C PRO D 70 21.90 -5.89 -27.07
N VAL D 71 22.82 -5.48 -26.19
CA VAL D 71 23.80 -4.47 -26.58
C VAL D 71 25.01 -4.57 -25.67
N CYS D 72 26.19 -4.38 -26.25
CA CYS D 72 27.40 -4.12 -25.51
C CYS D 72 27.61 -2.62 -25.54
N PHE D 73 27.76 -2.02 -24.37
CA PHE D 73 27.82 -0.57 -24.24
C PHE D 73 29.15 -0.15 -23.62
N GLU D 74 29.53 1.09 -23.89
CA GLU D 74 30.74 1.64 -23.32
C GLU D 74 30.46 2.08 -21.89
N GLY D 75 31.43 1.88 -21.01
CA GLY D 75 31.25 2.14 -19.60
C GLY D 75 30.75 3.53 -19.32
N PRO D 76 30.30 3.78 -18.09
CA PRO D 76 29.76 5.10 -17.76
C PRO D 76 30.82 6.18 -17.94
N GLY D 77 30.38 7.34 -18.41
CA GLY D 77 31.29 8.46 -18.60
C GLY D 77 30.56 9.64 -19.21
N ILE D 78 31.27 10.77 -19.24
CA ILE D 78 30.74 11.98 -19.85
C ILE D 78 30.77 11.85 -21.36
N GLN D 79 29.68 12.23 -22.01
CA GLN D 79 29.50 12.04 -23.44
C GLN D 79 29.34 13.38 -24.16
N TRP D 80 29.49 13.33 -25.47
CA TRP D 80 29.59 14.50 -26.34
C TRP D 80 28.31 15.34 -26.34
N ILE D 81 28.44 16.54 -26.91
CA ILE D 81 27.30 17.45 -27.09
C ILE D 81 26.33 16.89 -28.12
N GLU D 82 25.04 16.88 -27.79
CA GLU D 82 23.99 16.40 -28.69
C GLU D 82 22.75 17.26 -28.53
N GLN D 83 21.98 17.38 -29.61
CA GLN D 83 20.80 18.22 -29.63
C GLN D 83 19.55 17.37 -29.51
N THR D 84 18.62 17.80 -28.66
CA THR D 84 17.30 17.22 -28.56
C THR D 84 16.29 18.37 -28.61
N GLU D 85 15.01 18.01 -28.69
CA GLU D 85 13.96 19.02 -28.55
C GLU D 85 13.68 19.38 -27.10
N TYR D 86 14.05 18.51 -26.16
CA TYR D 86 13.80 18.72 -24.75
C TYR D 86 14.96 19.40 -24.04
N TYR D 87 16.17 19.17 -24.50
CA TYR D 87 17.40 19.64 -23.87
C TYR D 87 18.22 20.41 -24.89
N PRO D 88 19.07 21.32 -24.44
CA PRO D 88 20.00 21.96 -25.37
C PRO D 88 21.18 21.03 -25.64
N ALA D 89 22.03 21.44 -26.57
CA ALA D 89 23.22 20.68 -26.93
C ALA D 89 24.17 20.59 -25.74
N ARG D 90 24.34 19.41 -25.18
CA ARG D 90 25.14 19.28 -23.96
C ARG D 90 25.93 17.98 -23.91
N TYR D 91 26.94 17.98 -23.03
CA TYR D 91 27.70 16.79 -22.69
C TYR D 91 27.12 16.25 -21.39
N GLN D 92 26.55 15.05 -21.45
CA GLN D 92 25.89 14.44 -20.30
C GLN D 92 26.86 13.59 -19.47
N THR D 93 26.47 13.33 -18.23
CA THR D 93 27.29 12.53 -17.31
C THR D 93 26.67 11.17 -17.03
N ASN D 94 27.51 10.22 -16.66
CA ASN D 94 27.10 8.85 -16.32
C ASN D 94 26.31 8.25 -17.49
N VAL D 95 26.90 8.35 -18.67
CA VAL D 95 26.23 7.95 -19.91
C VAL D 95 26.79 6.61 -20.37
N LEU D 96 25.90 5.69 -20.69
CA LEU D 96 26.25 4.40 -21.27
C LEU D 96 25.84 4.44 -22.74
N LEU D 97 26.81 4.25 -23.62
CA LEU D 97 26.61 4.36 -25.06
C LEU D 97 26.71 2.97 -25.68
N ALA D 98 25.81 2.69 -26.63
CA ALA D 98 25.77 1.40 -27.29
C ALA D 98 25.20 1.59 -28.68
N ALA D 99 25.10 0.50 -29.42
CA ALA D 99 24.55 0.51 -30.77
C ALA D 99 23.14 -0.06 -30.76
N GLY D 100 22.23 0.61 -31.45
CA GLY D 100 20.87 0.14 -31.57
C GLY D 100 19.89 1.22 -32.01
N PRO D 101 18.69 0.80 -32.39
CA PRO D 101 17.65 1.77 -32.80
C PRO D 101 17.20 2.63 -31.62
N ALA D 102 16.78 3.85 -31.95
CA ALA D 102 16.31 4.77 -30.92
C ALA D 102 15.49 5.89 -31.54
N GLU D 103 14.32 6.16 -30.97
CA GLU D 103 13.43 7.22 -31.42
C GLU D 103 13.11 8.12 -30.23
N ALA D 104 12.40 9.21 -30.51
CA ALA D 104 12.13 10.20 -29.46
C ALA D 104 11.28 9.61 -28.35
N GLY D 105 10.28 8.80 -28.71
CA GLY D 105 9.34 8.26 -27.74
C GLY D 105 9.85 7.09 -26.93
N ASP D 106 11.08 6.64 -27.17
CA ASP D 106 11.63 5.48 -26.48
C ASP D 106 12.33 5.87 -25.18
N CYS D 107 12.39 7.16 -24.86
CA CYS D 107 13.03 7.58 -23.61
C CYS D 107 12.32 6.95 -22.41
N GLY D 108 13.11 6.51 -21.44
CA GLY D 108 12.60 5.82 -20.27
C GLY D 108 12.65 4.32 -20.33
N GLY D 109 13.05 3.75 -21.48
CA GLY D 109 13.19 2.32 -21.56
C GLY D 109 14.25 1.79 -20.61
N LEU D 110 14.02 0.57 -20.13
CA LEU D 110 14.88 -0.03 -19.12
C LEU D 110 15.99 -0.85 -19.78
N LEU D 111 17.21 -0.66 -19.30
CA LEU D 111 18.34 -1.50 -19.65
C LEU D 111 18.65 -2.38 -18.45
N VAL D 112 18.74 -3.70 -18.68
CA VAL D 112 18.82 -4.66 -17.59
C VAL D 112 19.88 -5.72 -17.87
N CYS D 113 20.31 -6.38 -16.81
CA CYS D 113 21.16 -7.55 -16.84
C CYS D 113 20.67 -8.51 -15.75
N PRO D 114 21.27 -9.69 -15.60
CA PRO D 114 20.80 -10.62 -14.56
C PRO D 114 20.90 -10.05 -13.14
N HIS D 115 21.68 -9.00 -12.93
CA HIS D 115 21.81 -8.42 -11.60
C HIS D 115 20.70 -7.45 -11.26
N GLY D 116 20.04 -6.90 -12.27
CA GLY D 116 18.96 -5.96 -12.08
C GLY D 116 19.00 -4.90 -13.16
N VAL D 117 18.39 -3.76 -12.87
CA VAL D 117 18.36 -2.64 -13.81
C VAL D 117 19.67 -1.90 -13.73
N ILE D 118 20.23 -1.56 -14.89
CA ILE D 118 21.48 -0.83 -14.98
C ILE D 118 21.25 0.64 -15.28
N GLY D 119 20.37 0.95 -16.23
CA GLY D 119 20.14 2.33 -16.60
C GLY D 119 18.84 2.49 -17.36
N LEU D 120 18.54 3.75 -17.68
CA LEU D 120 17.35 4.14 -18.41
C LEU D 120 17.72 4.82 -19.71
N LEU D 121 16.92 4.58 -20.75
CA LEU D 121 17.21 5.13 -22.07
C LEU D 121 17.10 6.65 -22.04
N THR D 122 18.24 7.31 -22.28
CA THR D 122 18.35 8.77 -22.27
C THR D 122 18.08 9.40 -23.62
N ALA D 123 18.74 8.93 -24.66
CA ALA D 123 18.60 9.52 -25.98
C ALA D 123 19.13 8.51 -27.00
N GLY D 124 19.23 8.96 -28.24
CA GLY D 124 19.77 8.11 -29.29
C GLY D 124 19.25 8.50 -30.65
N GLY D 125 19.79 7.82 -31.64
CA GLY D 125 19.47 8.03 -33.04
C GLY D 125 20.61 7.57 -33.89
N GLY D 126 20.32 7.39 -35.18
CA GLY D 126 21.37 7.04 -36.12
C GLY D 126 22.10 5.75 -35.83
N GLY D 127 21.49 4.84 -35.08
CA GLY D 127 22.10 3.58 -34.73
C GLY D 127 22.88 3.58 -33.44
N ILE D 128 22.89 4.69 -32.70
CA ILE D 128 23.56 4.79 -31.41
C ILE D 128 22.54 5.24 -30.39
N VAL D 129 22.48 4.56 -29.26
CA VAL D 129 21.54 4.86 -28.18
C VAL D 129 22.32 4.98 -26.88
N ALA D 130 21.91 5.92 -26.04
CA ALA D 130 22.58 6.19 -24.78
C ALA D 130 21.60 6.03 -23.61
N PHE D 131 22.14 5.57 -22.48
CA PHE D 131 21.36 5.35 -21.27
C PHE D 131 22.03 6.05 -20.10
N THR D 132 21.25 6.34 -19.07
CA THR D 132 21.74 6.93 -17.84
C THR D 132 22.01 5.84 -16.82
N ASP D 133 23.28 5.67 -16.46
CA ASP D 133 23.69 4.65 -15.50
C ASP D 133 23.19 4.99 -14.11
N ILE D 134 22.51 4.03 -13.47
CA ILE D 134 21.99 4.20 -12.12
C ILE D 134 22.69 3.29 -11.12
N ARG D 135 23.83 2.71 -11.50
CA ARG D 135 24.55 1.85 -10.56
C ARG D 135 25.04 2.66 -9.37
N ASN D 136 25.33 3.94 -9.56
CA ASN D 136 25.82 4.77 -8.47
C ASN D 136 24.75 5.12 -7.48
N LEU D 137 23.47 4.97 -7.95
CA LEU D 137 22.36 5.31 -6.96
C LEU D 137 21.91 4.06 -6.21
N LEU D 138 22.67 2.99 -6.22
CA LEU D 138 22.27 1.79 -5.51
C LEU D 138 22.14 2.08 -4.03
N TRP D 139 22.70 3.19 -3.56
CA TRP D 139 22.46 3.59 -2.18
C TRP D 139 20.98 3.77 -1.91
N LEU D 140 20.15 3.90 -2.96
CA LEU D 140 18.72 3.90 -2.75
C LEU D 140 18.29 2.58 -2.11
N ASP D 141 18.86 1.47 -2.58
CA ASP D 141 18.59 0.16 -1.99
C ASP D 141 19.02 0.12 -0.54
N GLY E 1 -46.04 2.48 -28.34
CA GLY E 1 -46.59 2.58 -29.71
C GLY E 1 -45.82 1.78 -30.74
N PRO E 2 -44.64 2.27 -31.11
CA PRO E 2 -43.83 1.53 -32.10
C PRO E 2 -43.49 0.12 -31.65
N GLY E 3 -43.29 -0.08 -30.35
CA GLY E 3 -43.01 -1.39 -29.81
C GLY E 3 -41.56 -1.80 -29.83
N PHE E 4 -40.64 -0.87 -30.09
CA PHE E 4 -39.21 -1.14 -30.02
C PHE E 4 -38.40 -0.07 -29.31
N GLY E 5 -39.00 1.07 -28.99
CA GLY E 5 -38.25 2.20 -28.45
C GLY E 5 -38.18 2.24 -26.93
N GLY E 6 -38.37 1.11 -26.28
CA GLY E 6 -38.40 1.06 -24.83
C GLY E 6 -39.77 1.33 -24.25
N VAL E 7 -39.82 1.36 -22.91
CA VAL E 7 -41.05 1.54 -22.17
C VAL E 7 -41.07 2.93 -21.56
N PHE E 8 -42.25 3.57 -21.61
CA PHE E 8 -42.46 4.91 -21.07
C PHE E 8 -43.60 4.86 -20.06
N VAL E 9 -43.27 4.94 -18.77
CA VAL E 9 -44.24 4.85 -17.70
C VAL E 9 -44.15 6.14 -16.90
N GLY E 10 -45.28 6.84 -16.78
CA GLY E 10 -45.27 8.11 -16.08
C GLY E 10 -44.25 9.04 -16.71
N SER E 11 -43.41 9.64 -15.87
CA SER E 11 -42.33 10.51 -16.32
C SER E 11 -41.00 9.77 -16.39
N PHE E 12 -41.04 8.46 -16.66
CA PHE E 12 -39.85 7.63 -16.61
C PHE E 12 -39.72 6.81 -17.89
N LYS E 13 -38.48 6.44 -18.20
CA LYS E 13 -38.13 5.70 -19.41
C LYS E 13 -37.33 4.46 -18.98
N ILE E 14 -37.75 3.30 -19.47
CA ILE E 14 -37.09 2.04 -19.19
C ILE E 14 -36.48 1.56 -20.51
N ILE E 15 -35.18 1.30 -20.50
CA ILE E 15 -34.43 0.95 -21.70
C ILE E 15 -33.29 -0.02 -21.36
N ASN E 16 -32.68 -0.56 -22.40
CA ASN E 16 -31.55 -1.46 -22.26
C ASN E 16 -30.30 -0.67 -21.89
N TYR E 17 -29.41 -1.31 -21.13
CA TYR E 17 -28.19 -0.66 -20.69
C TYR E 17 -27.28 -0.30 -21.86
N HIS E 18 -27.09 -1.22 -22.81
CA HIS E 18 -26.15 -0.97 -23.89
C HIS E 18 -26.67 0.06 -24.88
N LEU E 19 -27.97 0.36 -24.87
CA LEU E 19 -28.55 1.34 -25.77
C LEU E 19 -28.78 2.69 -25.11
N ALA E 20 -28.28 2.88 -23.89
CA ALA E 20 -28.49 4.12 -23.17
C ALA E 20 -27.38 5.12 -23.46
N THR E 21 -27.72 6.41 -23.39
CA THR E 21 -26.80 7.51 -23.56
C THR E 21 -26.37 8.04 -22.20
N ILE E 22 -25.29 8.83 -22.19
CA ILE E 22 -24.75 9.30 -20.92
C ILE E 22 -25.79 10.09 -20.14
N GLU E 23 -26.55 10.94 -20.82
CA GLU E 23 -27.51 11.79 -20.12
C GLU E 23 -28.52 10.95 -19.37
N GLU E 24 -29.02 9.88 -19.99
CA GLU E 24 -29.93 8.99 -19.31
C GLU E 24 -29.27 8.32 -18.11
N ARG E 25 -28.02 7.86 -18.29
CA ARG E 25 -27.30 7.21 -17.18
C ARG E 25 -26.98 8.18 -16.06
N GLN E 26 -26.68 9.44 -16.38
CA GLN E 26 -26.31 10.40 -15.35
C GLN E 26 -27.47 10.79 -14.45
N SER E 27 -28.71 10.61 -14.90
CA SER E 27 -29.89 10.90 -14.10
C SER E 27 -30.66 9.64 -13.72
N ALA E 28 -30.13 8.46 -14.05
CA ALA E 28 -30.90 7.23 -13.89
C ALA E 28 -31.33 7.02 -12.44
N ILE E 29 -32.60 6.63 -12.27
CA ILE E 29 -33.10 6.30 -10.95
C ILE E 29 -32.83 4.85 -10.59
N TYR E 30 -32.72 3.97 -11.58
CA TYR E 30 -32.39 2.57 -11.35
C TYR E 30 -31.53 2.08 -12.50
N VAL E 31 -30.54 1.25 -12.17
CA VAL E 31 -29.65 0.67 -13.17
C VAL E 31 -29.30 -0.74 -12.73
N ASP E 32 -29.41 -1.70 -13.65
CA ASP E 32 -28.96 -3.06 -13.40
C ASP E 32 -28.20 -3.51 -14.64
N TRP E 33 -26.87 -3.59 -14.51
CA TRP E 33 -26.03 -4.03 -15.62
C TRP E 33 -26.22 -5.51 -15.88
N GLN E 34 -26.39 -6.30 -14.83
CA GLN E 34 -26.61 -7.73 -14.99
C GLN E 34 -27.89 -7.99 -15.78
N SER E 35 -28.98 -7.30 -15.41
CA SER E 35 -30.24 -7.42 -16.14
C SER E 35 -30.25 -6.61 -17.42
N ASP E 36 -29.26 -5.74 -17.63
CA ASP E 36 -29.17 -4.92 -18.84
C ASP E 36 -30.39 -4.01 -18.98
N VAL E 37 -30.57 -3.14 -17.98
CA VAL E 37 -31.73 -2.26 -17.92
C VAL E 37 -31.39 -1.00 -17.15
N LEU E 38 -31.95 0.13 -17.60
CA LEU E 38 -31.94 1.35 -16.81
C LEU E 38 -33.36 1.89 -16.72
N VAL E 39 -33.61 2.66 -15.64
CA VAL E 39 -34.83 3.43 -15.46
C VAL E 39 -34.40 4.87 -15.22
N THR E 40 -34.76 5.77 -16.13
CA THR E 40 -34.28 7.14 -16.10
C THR E 40 -35.42 8.12 -16.24
N PRO E 41 -35.32 9.29 -15.59
CA PRO E 41 -36.39 10.29 -15.71
C PRO E 41 -36.38 10.95 -17.08
N ILE E 42 -37.58 11.31 -17.55
CA ILE E 42 -37.74 12.00 -18.83
C ILE E 42 -38.92 12.96 -18.70
N ALA E 43 -38.80 14.12 -19.36
CA ALA E 43 -39.83 15.15 -19.32
C ALA E 43 -40.90 14.84 -20.37
N ALA E 44 -41.71 13.84 -20.05
CA ALA E 44 -42.78 13.40 -20.94
C ALA E 44 -43.75 12.53 -20.16
N HIS E 45 -44.97 12.43 -20.67
CA HIS E 45 -46.03 11.64 -20.05
C HIS E 45 -46.02 10.24 -20.64
N GLY E 46 -45.59 9.26 -19.84
CA GLY E 46 -45.56 7.90 -20.33
C GLY E 46 -46.95 7.29 -20.40
N ARG E 47 -47.20 6.55 -21.47
CA ARG E 47 -48.50 5.92 -21.70
C ARG E 47 -48.49 4.41 -21.47
N HIS E 48 -47.34 3.84 -21.11
CA HIS E 48 -47.26 2.41 -20.86
C HIS E 48 -47.62 2.09 -19.41
N GLN E 49 -47.99 0.84 -19.20
CA GLN E 49 -48.20 0.30 -17.86
C GLN E 49 -47.47 -1.03 -17.79
N ILE E 50 -46.79 -1.27 -16.68
CA ILE E 50 -46.00 -2.48 -16.48
C ILE E 50 -46.92 -3.58 -15.98
N ALA E 51 -46.66 -4.81 -16.40
CA ALA E 51 -47.53 -5.93 -16.09
C ALA E 51 -47.23 -6.43 -14.69
N ARG E 52 -48.20 -6.28 -13.79
CA ARG E 52 -48.11 -6.87 -12.45
C ARG E 52 -48.82 -8.22 -12.48
N CYS E 53 -48.20 -9.16 -13.19
CA CYS E 53 -48.76 -10.47 -13.43
C CYS E 53 -47.62 -11.47 -13.48
N LYS E 54 -47.97 -12.73 -13.75
CA LYS E 54 -47.00 -13.79 -13.96
C LYS E 54 -47.26 -14.51 -15.27
N CYS E 55 -47.77 -13.81 -16.29
CA CYS E 55 -48.06 -14.46 -17.55
C CYS E 55 -46.81 -15.11 -18.11
N ASN E 56 -46.97 -16.34 -18.58
CA ASN E 56 -45.94 -17.08 -19.31
C ASN E 56 -46.13 -17.03 -20.82
N THR E 57 -47.11 -16.29 -21.32
CA THR E 57 -47.31 -16.13 -22.74
C THR E 57 -47.42 -14.65 -23.05
N GLY E 58 -46.99 -14.29 -24.25
CA GLY E 58 -47.00 -12.90 -24.64
C GLY E 58 -46.71 -12.76 -26.11
N VAL E 59 -46.56 -11.50 -26.53
CA VAL E 59 -46.28 -11.17 -27.93
C VAL E 59 -45.21 -10.09 -27.94
N TYR E 60 -44.22 -10.25 -28.81
CA TYR E 60 -43.10 -9.33 -28.89
C TYR E 60 -42.91 -8.89 -30.33
N TYR E 61 -42.39 -7.68 -30.49
CA TYR E 61 -42.18 -7.09 -31.81
C TYR E 61 -40.75 -7.39 -32.28
N CYS E 62 -40.62 -7.91 -33.50
CA CYS E 62 -39.34 -8.18 -34.13
C CYS E 62 -39.11 -7.12 -35.20
N ARG E 63 -38.11 -6.27 -34.98
CA ARG E 63 -37.90 -5.11 -35.84
C ARG E 63 -37.36 -5.48 -37.21
N HIS E 64 -36.29 -6.29 -37.26
CA HIS E 64 -35.69 -6.60 -38.56
C HIS E 64 -36.64 -7.41 -39.44
N ARG E 65 -37.68 -8.01 -38.85
CA ARG E 65 -38.76 -8.60 -39.60
C ARG E 65 -40.05 -7.78 -39.49
N ASP E 66 -40.07 -6.77 -38.63
CA ASP E 66 -41.16 -5.82 -38.56
C ASP E 66 -42.51 -6.52 -38.38
N LYS E 67 -42.57 -7.42 -37.42
CA LYS E 67 -43.79 -8.14 -37.16
C LYS E 67 -43.91 -8.52 -35.72
N SER E 68 -45.11 -8.69 -35.19
CA SER E 68 -45.35 -9.11 -33.82
C SER E 68 -45.51 -10.63 -33.76
N TYR E 69 -44.66 -11.30 -32.98
CA TYR E 69 -44.68 -12.75 -32.85
C TYR E 69 -45.12 -13.16 -31.45
N PRO E 70 -46.14 -14.00 -31.31
CA PRO E 70 -46.46 -14.55 -29.99
C PRO E 70 -45.52 -15.67 -29.60
N VAL E 71 -45.33 -15.84 -28.30
CA VAL E 71 -44.38 -16.83 -27.80
C VAL E 71 -44.74 -17.18 -26.35
N CYS E 72 -44.55 -18.45 -26.01
CA CYS E 72 -44.55 -18.90 -24.63
C CYS E 72 -43.12 -18.98 -24.18
N PHE E 73 -42.82 -18.37 -23.06
CA PHE E 73 -41.44 -18.25 -22.63
C PHE E 73 -41.24 -18.75 -21.27
N GLU E 74 -40.00 -18.94 -20.89
CA GLU E 74 -39.70 -19.44 -19.53
C GLU E 74 -39.59 -18.29 -18.53
N GLY E 75 -40.06 -18.55 -17.31
CA GLY E 75 -40.11 -17.53 -16.28
C GLY E 75 -38.76 -16.90 -16.03
N PRO E 76 -38.75 -15.79 -15.29
CA PRO E 76 -37.49 -15.08 -15.05
C PRO E 76 -36.50 -15.93 -14.28
N GLY E 77 -35.22 -15.78 -14.61
CA GLY E 77 -34.17 -16.49 -13.92
C GLY E 77 -32.82 -16.15 -14.52
N ILE E 78 -31.78 -16.61 -13.83
CA ILE E 78 -30.41 -16.41 -14.30
C ILE E 78 -30.16 -17.33 -15.49
N GLN E 79 -29.54 -16.79 -16.54
CA GLN E 79 -29.39 -17.50 -17.79
C GLN E 79 -27.92 -17.75 -18.13
N TRP E 80 -27.74 -18.66 -19.08
CA TRP E 80 -26.45 -19.26 -19.43
C TRP E 80 -25.45 -18.24 -19.97
N ILE E 81 -24.20 -18.71 -20.11
CA ILE E 81 -23.13 -17.87 -20.63
C ILE E 81 -23.44 -17.45 -22.05
N GLU E 82 -23.39 -16.14 -22.29
CA GLU E 82 -23.62 -15.51 -23.58
C GLU E 82 -22.75 -14.28 -23.77
N GLN E 83 -22.21 -14.14 -24.98
CA GLN E 83 -21.38 -12.99 -25.35
C GLN E 83 -21.92 -12.33 -26.62
N THR E 84 -21.90 -11.00 -26.64
CA THR E 84 -22.26 -10.22 -27.82
C THR E 84 -21.16 -9.23 -28.15
N GLU E 85 -21.38 -8.38 -29.15
CA GLU E 85 -20.44 -7.31 -29.42
C GLU E 85 -20.52 -6.22 -28.34
N TYR E 86 -21.61 -6.13 -27.58
CA TYR E 86 -21.64 -5.16 -26.51
C TYR E 86 -21.16 -5.72 -25.19
N TYR E 87 -21.39 -7.02 -24.93
CA TYR E 87 -21.02 -7.58 -23.63
C TYR E 87 -20.15 -8.81 -23.83
N PRO E 88 -19.29 -9.12 -22.89
CA PRO E 88 -18.55 -10.38 -22.92
C PRO E 88 -19.43 -11.52 -22.45
N ALA E 89 -18.86 -12.73 -22.48
CA ALA E 89 -19.56 -13.92 -22.04
C ALA E 89 -19.96 -13.83 -20.58
N ARG E 90 -21.26 -13.73 -20.30
CA ARG E 90 -21.75 -13.51 -18.96
C ARG E 90 -23.08 -14.22 -18.79
N TYR E 91 -23.47 -14.44 -17.54
CA TYR E 91 -24.78 -14.96 -17.20
C TYR E 91 -25.65 -13.79 -16.79
N GLN E 92 -26.72 -13.55 -17.54
CA GLN E 92 -27.58 -12.41 -17.28
C GLN E 92 -28.68 -12.78 -16.29
N THR E 93 -29.23 -11.76 -15.65
CA THR E 93 -30.28 -11.90 -14.64
C THR E 93 -31.59 -11.34 -15.17
N ASN E 94 -32.68 -11.80 -14.59
CA ASN E 94 -34.03 -11.38 -14.97
C ASN E 94 -34.24 -11.61 -16.46
N VAL E 95 -33.93 -12.83 -16.90
CA VAL E 95 -33.97 -13.20 -18.31
C VAL E 95 -35.17 -14.09 -18.54
N LEU E 96 -36.00 -13.74 -19.52
CA LEU E 96 -37.09 -14.56 -19.99
C LEU E 96 -36.70 -15.09 -21.37
N LEU E 97 -36.67 -16.41 -21.51
CA LEU E 97 -36.19 -17.07 -22.71
C LEU E 97 -37.34 -17.71 -23.46
N ALA E 98 -37.31 -17.59 -24.79
CA ALA E 98 -38.33 -18.18 -25.64
C ALA E 98 -37.71 -18.49 -26.99
N ALA E 99 -38.51 -19.08 -27.87
CA ALA E 99 -38.06 -19.39 -29.22
C ALA E 99 -38.71 -18.41 -30.18
N GLY E 100 -37.91 -17.87 -31.10
CA GLY E 100 -38.41 -16.95 -32.09
C GLY E 100 -37.28 -16.15 -32.71
N PRO E 101 -37.57 -15.44 -33.79
CA PRO E 101 -36.53 -14.63 -34.43
C PRO E 101 -36.08 -13.47 -33.53
N ALA E 102 -34.85 -13.06 -33.69
CA ALA E 102 -34.30 -11.93 -32.98
C ALA E 102 -32.96 -11.70 -33.53
N GLU E 103 -32.58 -10.49 -33.92
CA GLU E 103 -31.23 -10.28 -34.41
C GLU E 103 -30.59 -9.13 -33.72
N ALA E 104 -29.47 -8.68 -34.22
CA ALA E 104 -28.81 -7.58 -33.60
C ALA E 104 -29.61 -6.35 -33.41
N GLY E 105 -30.04 -5.68 -34.44
CA GLY E 105 -30.74 -4.47 -34.22
C GLY E 105 -32.00 -4.60 -33.45
N ASP E 106 -32.40 -5.75 -33.03
CA ASP E 106 -33.73 -5.86 -32.44
C ASP E 106 -33.75 -5.57 -30.94
N CYS E 107 -32.62 -5.28 -30.33
CA CYS E 107 -32.61 -4.98 -28.90
C CYS E 107 -33.55 -3.83 -28.59
N GLY E 108 -34.30 -3.95 -27.50
CA GLY E 108 -35.29 -2.96 -27.12
C GLY E 108 -36.71 -3.27 -27.51
N GLY E 109 -36.95 -4.37 -28.22
CA GLY E 109 -38.31 -4.73 -28.57
C GLY E 109 -39.16 -5.02 -27.35
N LEU E 110 -40.45 -4.69 -27.46
CA LEU E 110 -41.38 -4.81 -26.36
C LEU E 110 -42.10 -6.15 -26.37
N LEU E 111 -42.16 -6.78 -25.20
CA LEU E 111 -42.99 -7.94 -24.93
C LEU E 111 -44.17 -7.50 -24.09
N VAL E 112 -45.37 -7.88 -24.49
CA VAL E 112 -46.60 -7.38 -23.87
C VAL E 112 -47.54 -8.55 -23.64
N CYS E 113 -48.47 -8.34 -22.72
CA CYS E 113 -49.58 -9.25 -22.47
C CYS E 113 -50.80 -8.40 -22.18
N PRO E 114 -51.98 -9.00 -21.93
CA PRO E 114 -53.16 -8.18 -21.65
C PRO E 114 -52.99 -7.26 -20.44
N HIS E 115 -52.02 -7.53 -19.57
CA HIS E 115 -51.81 -6.70 -18.39
C HIS E 115 -50.89 -5.50 -18.63
N GLY E 116 -50.05 -5.55 -19.65
CA GLY E 116 -49.13 -4.48 -19.95
C GLY E 116 -47.82 -5.02 -20.45
N VAL E 117 -46.76 -4.23 -20.32
CA VAL E 117 -45.44 -4.62 -20.78
C VAL E 117 -44.78 -5.52 -19.75
N ILE E 118 -44.15 -6.60 -20.22
CA ILE E 118 -43.45 -7.54 -19.36
C ILE E 118 -41.94 -7.35 -19.41
N GLY E 119 -41.38 -7.17 -20.60
CA GLY E 119 -39.94 -7.06 -20.70
C GLY E 119 -39.48 -6.47 -22.04
N LEU E 120 -38.17 -6.32 -22.15
CA LEU E 120 -37.52 -5.77 -23.34
C LEU E 120 -36.56 -6.79 -23.92
N LEU E 121 -36.47 -6.83 -25.25
CA LEU E 121 -35.61 -7.80 -25.93
C LEU E 121 -34.15 -7.50 -25.63
N THR E 122 -33.49 -8.43 -24.95
CA THR E 122 -32.10 -8.27 -24.54
C THR E 122 -31.12 -8.79 -25.57
N ALA E 123 -31.35 -10.00 -26.09
CA ALA E 123 -30.42 -10.63 -27.02
C ALA E 123 -31.17 -11.73 -27.78
N GLY E 124 -30.41 -12.55 -28.50
CA GLY E 124 -30.97 -13.66 -29.23
C GLY E 124 -30.08 -14.12 -30.34
N GLY E 125 -30.51 -15.21 -30.98
CA GLY E 125 -29.80 -15.85 -32.06
C GLY E 125 -30.20 -17.30 -32.16
N GLY E 126 -29.91 -17.89 -33.33
CA GLY E 126 -30.15 -19.30 -33.51
C GLY E 126 -31.57 -19.74 -33.27
N GLY E 127 -32.54 -18.85 -33.37
CA GLY E 127 -33.92 -19.20 -33.10
C GLY E 127 -34.33 -19.03 -31.66
N ILE E 128 -33.47 -18.44 -30.83
CA ILE E 128 -33.74 -18.23 -29.41
C ILE E 128 -33.72 -16.74 -29.14
N VAL E 129 -34.71 -16.27 -28.39
CA VAL E 129 -34.89 -14.85 -28.10
C VAL E 129 -34.97 -14.67 -26.59
N ALA E 130 -34.36 -13.60 -26.11
CA ALA E 130 -34.29 -13.31 -24.68
C ALA E 130 -34.89 -11.95 -24.38
N PHE E 131 -35.54 -11.85 -23.23
CA PHE E 131 -36.16 -10.61 -22.78
C PHE E 131 -35.70 -10.30 -21.36
N THR E 132 -35.71 -9.03 -21.02
CA THR E 132 -35.41 -8.58 -19.67
C THR E 132 -36.74 -8.32 -18.96
N ASP E 133 -37.04 -9.13 -17.95
CA ASP E 133 -38.30 -8.99 -17.22
C ASP E 133 -38.27 -7.69 -16.42
N ILE E 134 -39.28 -6.85 -16.64
CA ILE E 134 -39.39 -5.57 -15.95
C ILE E 134 -40.59 -5.52 -15.02
N ARG E 135 -41.20 -6.67 -14.73
CA ARG E 135 -42.34 -6.69 -13.82
C ARG E 135 -41.94 -6.24 -12.42
N ASN E 136 -40.67 -6.42 -12.05
CA ASN E 136 -40.21 -6.02 -10.73
C ASN E 136 -40.16 -4.51 -10.58
N LEU E 137 -40.20 -3.76 -11.68
CA LEU E 137 -40.10 -2.31 -11.66
C LEU E 137 -41.46 -1.62 -11.66
N LEU E 138 -42.55 -2.34 -11.39
CA LEU E 138 -43.86 -1.71 -11.44
C LEU E 138 -44.02 -0.62 -10.38
N TRP E 139 -43.18 -0.62 -9.34
CA TRP E 139 -43.24 0.44 -8.35
C TRP E 139 -42.98 1.82 -8.95
N LEU E 140 -42.38 1.88 -10.14
CA LEU E 140 -42.19 3.17 -10.79
C LEU E 140 -43.53 3.88 -11.00
N ASP E 141 -44.59 3.10 -11.28
CA ASP E 141 -45.91 3.68 -11.50
C ASP E 141 -46.32 4.58 -10.34
N THR E 142 -45.95 4.19 -9.12
CA THR E 142 -46.30 4.99 -7.93
C THR E 142 -47.81 5.01 -7.72
N GLY F 1 27.79 38.02 0.91
CA GLY F 1 27.91 39.18 1.83
C GLY F 1 27.55 38.88 3.27
N PRO F 2 26.25 38.75 3.57
CA PRO F 2 25.83 38.48 4.96
C PRO F 2 26.38 37.18 5.52
N GLY F 3 26.54 36.15 4.71
CA GLY F 3 27.15 34.91 5.15
C GLY F 3 26.27 33.84 5.75
N PHE F 4 24.94 33.90 5.54
CA PHE F 4 24.08 32.82 6.01
C PHE F 4 23.03 32.37 4.99
N GLY F 5 22.87 33.07 3.87
CA GLY F 5 21.76 32.80 2.97
C GLY F 5 22.07 31.77 1.92
N GLY F 6 23.04 30.91 2.20
CA GLY F 6 23.48 29.95 1.21
C GLY F 6 24.53 30.54 0.30
N VAL F 7 24.87 29.75 -0.72
CA VAL F 7 25.90 30.14 -1.68
C VAL F 7 25.21 30.58 -2.96
N PHE F 8 25.70 31.68 -3.54
CA PHE F 8 25.14 32.25 -4.77
C PHE F 8 26.24 32.30 -5.80
N VAL F 9 26.18 31.40 -6.78
CA VAL F 9 27.19 31.27 -7.82
C VAL F 9 26.49 31.42 -9.17
N GLY F 10 26.93 32.38 -9.97
CA GLY F 10 26.29 32.63 -11.24
C GLY F 10 24.82 32.92 -11.04
N SER F 11 23.98 32.25 -11.84
CA SER F 11 22.54 32.37 -11.70
C SER F 11 21.96 31.22 -10.88
N PHE F 12 22.77 30.67 -9.97
CA PHE F 12 22.41 29.48 -9.20
C PHE F 12 22.63 29.71 -7.71
N LYS F 13 21.86 29.00 -6.90
CA LYS F 13 21.90 29.09 -5.45
C LYS F 13 22.03 27.69 -4.84
N ILE F 14 22.94 27.55 -3.89
CA ILE F 14 23.16 26.31 -3.15
C ILE F 14 22.73 26.52 -1.71
N ILE F 15 21.84 25.65 -1.21
CA ILE F 15 21.28 25.80 0.13
C ILE F 15 21.02 24.43 0.76
N ASN F 16 20.65 24.46 2.03
CA ASN F 16 20.30 23.25 2.77
C ASN F 16 18.94 22.72 2.32
N TYR F 17 18.79 21.39 2.39
CA TYR F 17 17.53 20.77 1.98
C TYR F 17 16.38 21.20 2.89
N HIS F 18 16.60 21.18 4.20
CA HIS F 18 15.52 21.50 5.14
C HIS F 18 15.17 22.99 5.13
N LEU F 19 16.05 23.82 4.61
CA LEU F 19 15.81 25.25 4.52
C LEU F 19 15.36 25.68 3.13
N ALA F 20 15.14 24.72 2.23
CA ALA F 20 14.73 25.03 0.87
C ALA F 20 13.22 25.02 0.77
N THR F 21 12.72 25.83 -0.15
CA THR F 21 11.30 25.88 -0.49
C THR F 21 10.99 25.07 -1.74
N ILE F 22 9.72 24.65 -1.83
CA ILE F 22 9.29 23.79 -2.92
C ILE F 22 9.40 24.50 -4.26
N GLU F 23 8.97 25.78 -4.31
CA GLU F 23 8.99 26.50 -5.58
C GLU F 23 10.40 26.54 -6.15
N GLU F 24 11.39 26.85 -5.30
CA GLU F 24 12.78 26.72 -5.72
C GLU F 24 13.11 25.25 -5.96
N ARG F 25 12.58 24.36 -5.13
CA ARG F 25 12.80 22.94 -5.30
C ARG F 25 12.22 22.47 -6.64
N GLN F 26 11.16 23.12 -7.11
CA GLN F 26 10.55 22.74 -8.38
C GLN F 26 11.44 23.06 -9.56
N SER F 27 12.44 23.94 -9.39
CA SER F 27 13.38 24.28 -10.44
C SER F 27 14.79 23.74 -10.17
N ALA F 28 14.98 22.96 -9.10
CA ALA F 28 16.31 22.57 -8.69
C ALA F 28 17.01 21.76 -9.76
N ILE F 29 18.28 22.11 -10.03
CA ILE F 29 19.09 21.36 -10.96
C ILE F 29 19.81 20.19 -10.28
N TYR F 30 20.06 20.28 -8.98
CA TYR F 30 20.70 19.21 -8.23
C TYR F 30 20.08 19.14 -6.84
N VAL F 31 19.88 17.92 -6.36
CA VAL F 31 19.32 17.68 -5.03
C VAL F 31 19.97 16.43 -4.46
N ASP F 32 20.43 16.52 -3.22
CA ASP F 32 20.93 15.35 -2.48
C ASP F 32 20.34 15.41 -1.08
N TRP F 33 19.40 14.50 -0.80
CA TRP F 33 18.76 14.47 0.50
C TRP F 33 19.72 14.00 1.58
N GLN F 34 20.56 13.01 1.26
CA GLN F 34 21.54 12.53 2.22
C GLN F 34 22.51 13.63 2.60
N SER F 35 23.02 14.38 1.61
CA SER F 35 23.92 15.49 1.88
C SER F 35 23.20 16.73 2.37
N ASP F 36 21.87 16.77 2.31
CA ASP F 36 21.10 17.94 2.75
C ASP F 36 21.51 19.18 1.97
N VAL F 37 21.32 19.12 0.66
CA VAL F 37 21.74 20.19 -0.24
C VAL F 37 20.82 20.22 -1.45
N LEU F 38 20.53 21.43 -1.92
CA LEU F 38 19.90 21.65 -3.22
C LEU F 38 20.70 22.68 -3.99
N VAL F 39 20.69 22.57 -5.31
CA VAL F 39 21.25 23.57 -6.20
C VAL F 39 20.17 23.95 -7.21
N THR F 40 19.72 25.20 -7.17
CA THR F 40 18.60 25.65 -7.98
C THR F 40 18.93 26.96 -8.67
N PRO F 41 18.40 27.18 -9.87
CA PRO F 41 18.67 28.44 -10.58
C PRO F 41 17.96 29.61 -9.91
N ILE F 42 18.60 30.78 -10.02
CA ILE F 42 18.07 32.01 -9.45
C ILE F 42 18.41 33.16 -10.38
N ALA F 43 17.50 34.13 -10.47
CA ALA F 43 17.66 35.28 -11.37
C ALA F 43 18.53 36.34 -10.67
N ALA F 44 19.82 36.04 -10.59
CA ALA F 44 20.78 36.95 -9.97
C ALA F 44 22.18 36.53 -10.35
N HIS F 45 23.11 37.48 -10.31
CA HIS F 45 24.51 37.23 -10.59
C HIS F 45 25.24 36.98 -9.26
N GLY F 46 25.58 35.72 -9.00
CA GLY F 46 26.26 35.37 -7.77
C GLY F 46 27.72 35.78 -7.78
N ARG F 47 28.19 36.26 -6.63
CA ARG F 47 29.56 36.70 -6.45
C ARG F 47 30.41 35.67 -5.71
N HIS F 48 29.85 34.53 -5.34
CA HIS F 48 30.57 33.49 -4.64
C HIS F 48 31.29 32.57 -5.62
N GLN F 49 32.33 31.91 -5.12
CA GLN F 49 33.07 30.89 -5.86
C GLN F 49 33.26 29.68 -4.96
N ILE F 50 33.14 28.49 -5.54
CA ILE F 50 33.30 27.27 -4.76
C ILE F 50 34.78 26.93 -4.67
N ALA F 51 35.20 26.42 -3.51
CA ALA F 51 36.60 26.14 -3.27
C ALA F 51 36.96 24.77 -3.83
N ARG F 52 37.89 24.75 -4.75
CA ARG F 52 38.41 23.59 -5.34
C ARG F 52 39.69 23.43 -4.57
N CYS F 53 39.67 22.83 -3.43
CA CYS F 53 40.84 22.68 -2.58
C CYS F 53 40.71 21.41 -1.74
N LYS F 54 41.70 21.18 -0.88
CA LYS F 54 41.69 20.10 0.08
C LYS F 54 41.95 20.64 1.49
N CYS F 55 41.55 21.88 1.75
CA CYS F 55 41.81 22.51 3.04
C CYS F 55 41.14 21.76 4.18
N ASN F 56 41.92 21.54 5.27
CA ASN F 56 41.39 21.02 6.52
C ASN F 56 41.30 22.09 7.61
N THR F 57 41.29 23.37 7.24
CA THR F 57 40.98 24.47 8.15
C THR F 57 40.10 25.52 7.46
N GLY F 58 39.30 26.22 8.26
CA GLY F 58 38.40 27.23 7.71
C GLY F 58 37.78 28.09 8.78
N VAL F 59 36.86 28.97 8.36
CA VAL F 59 36.13 29.89 9.24
C VAL F 59 34.67 29.90 8.83
N TYR F 60 33.76 29.83 9.80
CA TYR F 60 32.33 29.77 9.55
C TYR F 60 31.59 30.81 10.38
N TYR F 61 30.44 31.25 9.88
CA TYR F 61 29.65 32.28 10.53
C TYR F 61 28.59 31.68 11.45
N CYS F 62 28.51 32.19 12.67
CA CYS F 62 27.52 31.79 13.66
C CYS F 62 26.51 32.91 13.86
N ARG F 63 25.24 32.65 13.52
CA ARG F 63 24.25 33.72 13.59
C ARG F 63 23.91 34.07 15.04
N HIS F 64 23.57 33.06 15.84
CA HIS F 64 23.09 33.33 17.20
C HIS F 64 24.18 33.91 18.08
N ARG F 65 25.45 33.79 17.69
CA ARG F 65 26.54 34.52 18.34
C ARG F 65 27.09 35.64 17.47
N ASP F 66 26.68 35.73 16.21
CA ASP F 66 27.04 36.84 15.34
C ASP F 66 28.55 37.03 15.31
N LYS F 67 29.25 35.94 15.01
CA LYS F 67 30.69 35.95 14.96
C LYS F 67 31.17 34.92 13.95
N SER F 68 32.33 35.19 13.37
CA SER F 68 32.99 34.23 12.50
C SER F 68 33.96 33.43 13.37
N TYR F 69 33.77 32.11 13.42
CA TYR F 69 34.57 31.26 14.28
C TYR F 69 35.50 30.43 13.41
N PRO F 70 36.80 30.47 13.64
CA PRO F 70 37.70 29.55 12.94
C PRO F 70 37.62 28.16 13.57
N VAL F 71 37.85 27.16 12.74
CA VAL F 71 37.71 25.77 13.16
C VAL F 71 38.51 24.91 12.21
N CYS F 72 39.11 23.86 12.74
CA CYS F 72 39.71 22.82 11.93
C CYS F 72 38.74 21.65 11.81
N PHE F 73 38.48 21.23 10.58
CA PHE F 73 37.59 20.12 10.35
C PHE F 73 38.33 18.91 9.80
N GLU F 74 37.76 17.73 10.05
CA GLU F 74 38.19 16.47 9.46
C GLU F 74 37.53 16.32 8.09
N GLY F 75 38.26 15.70 7.17
CA GLY F 75 37.81 15.62 5.79
C GLY F 75 36.40 15.07 5.66
N PRO F 76 35.82 15.21 4.47
CA PRO F 76 34.44 14.77 4.26
C PRO F 76 34.27 13.27 4.49
N GLY F 77 33.11 12.90 5.03
CA GLY F 77 32.80 11.51 5.26
C GLY F 77 31.45 11.36 5.93
N ILE F 78 30.98 10.12 5.97
CA ILE F 78 29.71 9.80 6.62
C ILE F 78 29.87 9.85 8.13
N GLN F 79 28.92 10.47 8.81
CA GLN F 79 28.97 10.69 10.25
C GLN F 79 27.80 9.99 10.93
N TRP F 80 27.90 9.89 12.26
CA TRP F 80 27.02 9.06 13.06
C TRP F 80 25.56 9.49 12.94
N ILE F 81 24.66 8.60 13.38
CA ILE F 81 23.24 8.87 13.35
C ILE F 81 22.91 10.04 14.29
N GLU F 82 22.19 11.01 13.77
CA GLU F 82 21.75 12.19 14.52
C GLU F 82 20.38 12.62 14.01
N GLN F 83 19.54 13.06 14.95
CA GLN F 83 18.16 13.44 14.69
C GLN F 83 17.97 14.93 14.91
N THR F 84 17.13 15.55 14.09
CA THR F 84 16.80 16.97 14.24
C THR F 84 15.29 17.08 14.33
N GLU F 85 14.78 18.31 14.45
CA GLU F 85 13.34 18.51 14.31
C GLU F 85 12.91 18.37 12.86
N TYR F 86 13.86 18.51 11.94
CA TYR F 86 13.62 18.38 10.50
C TYR F 86 13.91 16.98 9.97
N TYR F 87 14.87 16.28 10.56
CA TYR F 87 15.42 15.05 10.01
C TYR F 87 15.31 13.90 11.00
N PRO F 88 15.29 12.67 10.51
CA PRO F 88 15.30 11.51 11.40
C PRO F 88 16.72 11.19 11.85
N ALA F 89 16.81 10.22 12.76
CA ALA F 89 18.12 9.73 13.18
C ALA F 89 18.76 9.05 11.97
N ARG F 90 19.78 9.70 11.38
CA ARG F 90 20.34 9.22 10.13
C ARG F 90 21.80 9.58 10.04
N TYR F 91 22.50 8.88 9.15
CA TYR F 91 23.90 9.16 8.82
C TYR F 91 23.97 9.98 7.54
N GLN F 92 24.54 11.18 7.64
CA GLN F 92 24.65 12.07 6.50
C GLN F 92 25.94 11.80 5.73
N THR F 93 25.96 12.23 4.47
CA THR F 93 27.12 12.09 3.59
C THR F 93 27.69 13.47 3.29
N ASN F 94 28.98 13.49 2.94
CA ASN F 94 29.68 14.74 2.65
C ASN F 94 29.59 15.69 3.84
N VAL F 95 29.91 15.14 5.01
CA VAL F 95 29.81 15.86 6.28
C VAL F 95 31.21 16.24 6.73
N LEU F 96 31.38 17.51 7.07
CA LEU F 96 32.62 18.03 7.66
C LEU F 96 32.36 18.35 9.12
N LEU F 97 33.14 17.74 10.01
CA LEU F 97 32.94 17.81 11.44
C LEU F 97 34.04 18.64 12.07
N ALA F 98 33.66 19.49 13.02
CA ALA F 98 34.59 20.35 13.73
C ALA F 98 33.99 20.66 15.09
N ALA F 99 34.74 21.39 15.90
CA ALA F 99 34.30 21.83 17.21
C ALA F 99 33.96 23.31 17.15
N GLY F 100 32.83 23.68 17.74
CA GLY F 100 32.42 25.07 17.79
C GLY F 100 30.95 25.22 18.11
N PRO F 101 30.54 26.46 18.41
CA PRO F 101 29.12 26.70 18.72
C PRO F 101 28.22 26.48 17.51
N ALA F 102 27.00 26.02 17.79
CA ALA F 102 26.00 25.80 16.76
C ALA F 102 24.62 25.61 17.38
N GLU F 103 23.61 26.29 16.84
CA GLU F 103 22.25 26.18 17.33
C GLU F 103 21.33 25.81 16.17
N ALA F 104 20.05 25.61 16.49
CA ALA F 104 19.10 25.14 15.47
C ALA F 104 18.98 26.12 14.32
N GLY F 105 18.92 27.41 14.63
CA GLY F 105 18.71 28.46 13.65
C GLY F 105 19.91 28.87 12.85
N ASP F 106 21.07 28.27 13.09
CA ASP F 106 22.30 28.67 12.41
C ASP F 106 22.48 27.99 11.06
N CYS F 107 21.55 27.12 10.67
CA CYS F 107 21.64 26.46 9.38
C CYS F 107 21.70 27.50 8.27
N GLY F 108 22.57 27.25 7.29
CA GLY F 108 22.83 28.17 6.22
C GLY F 108 24.08 29.02 6.40
N GLY F 109 24.71 28.96 7.57
CA GLY F 109 25.97 29.67 7.74
C GLY F 109 27.04 29.08 6.84
N LEU F 110 27.92 29.94 6.33
CA LEU F 110 28.91 29.52 5.36
C LEU F 110 30.25 29.21 6.01
N LEU F 111 30.94 28.23 5.45
CA LEU F 111 32.27 27.85 5.86
C LEU F 111 33.12 28.21 4.68
N VAL F 112 34.20 28.92 4.87
CA VAL F 112 35.00 29.46 3.78
C VAL F 112 36.49 29.26 4.08
N CYS F 113 37.29 29.32 3.02
CA CYS F 113 38.75 29.34 3.10
C CYS F 113 39.25 30.34 2.07
N PRO F 114 40.56 30.56 1.97
CA PRO F 114 41.06 31.53 0.97
C PRO F 114 40.69 31.18 -0.45
N HIS F 115 40.31 29.93 -0.72
CA HIS F 115 39.95 29.51 -2.07
C HIS F 115 38.48 29.75 -2.40
N GLY F 116 37.62 29.90 -1.40
CA GLY F 116 36.22 30.12 -1.61
C GLY F 116 35.39 29.41 -0.55
N VAL F 117 34.13 29.15 -0.88
CA VAL F 117 33.21 28.50 0.05
C VAL F 117 33.47 27.00 0.03
N ILE F 118 33.47 26.40 1.22
CA ILE F 118 33.69 24.96 1.37
C ILE F 118 32.39 24.22 1.58
N GLY F 119 31.52 24.72 2.47
CA GLY F 119 30.30 24.02 2.78
C GLY F 119 29.31 24.90 3.51
N LEU F 120 28.16 24.30 3.83
CA LEU F 120 27.09 24.96 4.55
C LEU F 120 26.87 24.25 5.87
N LEU F 121 26.60 25.03 6.92
CA LEU F 121 26.43 24.48 8.26
C LEU F 121 25.16 23.64 8.30
N THR F 122 25.30 22.35 8.55
CA THR F 122 24.17 21.44 8.45
C THR F 122 23.40 21.39 9.76
N ALA F 123 24.10 21.14 10.86
CA ALA F 123 23.51 21.01 12.19
C ALA F 123 24.63 21.14 13.22
N GLY F 124 24.32 20.82 14.47
CA GLY F 124 25.32 20.87 15.52
C GLY F 124 24.67 21.02 16.89
N GLY F 125 25.53 21.01 17.90
CA GLY F 125 25.15 21.11 19.28
C GLY F 125 26.19 20.56 20.21
N GLY F 126 26.11 20.91 21.46
CA GLY F 126 27.02 20.37 22.45
C GLY F 126 28.50 20.61 22.15
N GLY F 127 28.81 21.65 21.38
CA GLY F 127 30.18 21.92 21.01
C GLY F 127 30.64 21.28 19.73
N ILE F 128 29.74 20.66 18.98
CA ILE F 128 30.06 20.00 17.72
C ILE F 128 29.26 20.66 16.60
N VAL F 129 29.94 20.96 15.49
CA VAL F 129 29.34 21.64 14.36
C VAL F 129 29.62 20.81 13.11
N ALA F 130 28.63 20.74 12.23
CA ALA F 130 28.72 19.94 11.01
C ALA F 130 28.50 20.82 9.80
N PHE F 131 29.20 20.51 8.71
CA PHE F 131 29.11 21.27 7.47
C PHE F 131 28.86 20.33 6.31
N THR F 132 28.20 20.84 5.27
CA THR F 132 27.98 20.10 4.04
C THR F 132 28.99 20.54 3.00
N ASP F 133 29.92 19.65 2.64
CA ASP F 133 30.95 19.98 1.66
C ASP F 133 30.35 20.13 0.28
N ILE F 134 30.57 21.27 -0.35
CA ILE F 134 30.07 21.56 -1.69
C ILE F 134 31.20 21.74 -2.70
N ARG F 135 32.42 21.30 -2.37
CA ARG F 135 33.53 21.46 -3.31
C ARG F 135 33.27 20.68 -4.61
N ASN F 136 32.51 19.60 -4.53
CA ASN F 136 32.22 18.80 -5.72
C ASN F 136 31.28 19.51 -6.67
N LEU F 137 30.65 20.60 -6.26
CA LEU F 137 29.70 21.34 -7.08
C LEU F 137 30.38 22.40 -7.94
N LEU F 138 31.71 22.37 -8.04
CA LEU F 138 32.42 23.38 -8.80
C LEU F 138 32.08 23.32 -10.30
N TRP F 139 31.54 22.20 -10.77
CA TRP F 139 31.07 22.15 -12.16
C TRP F 139 29.99 23.20 -12.40
N LEU F 140 29.37 23.70 -11.33
CA LEU F 140 28.40 24.79 -11.44
C LEU F 140 29.04 26.05 -12.03
N ASP F 141 30.28 26.34 -11.65
CA ASP F 141 30.93 27.56 -12.10
C ASP F 141 30.96 27.64 -13.63
N THR F 142 31.38 26.57 -14.29
CA THR F 142 31.49 26.56 -15.75
C THR F 142 32.39 27.70 -16.22
ZN ZN G . -10.99 -0.54 14.29
ZN ZN H . 25.02 -3.24 28.66
ZN ZN I . -22.13 -12.23 8.91
ZN ZN J . 25.23 -7.00 -14.34
ZN ZN K . -49.95 -10.78 -17.95
ZN ZN L . 40.84 25.81 0.48
#